data_8YYW
#
_entry.id   8YYW
#
_cell.length_a   1.00
_cell.length_b   1.00
_cell.length_c   1.00
_cell.angle_alpha   90.00
_cell.angle_beta   90.00
_cell.angle_gamma   90.00
#
_symmetry.space_group_name_H-M   'P 1'
#
loop_
_entity.id
_entity.type
_entity.pdbx_description
1 polymer ScFv16
2 polymer 'Guanine nucleotide-binding protein G(I)/G(S)/G(T) subunit beta-1'
3 polymer 'Guanine nucleotide-binding protein G(I)/G(S)/G(O) subunit gamma-2'
4 polymer '2-oxoglutarate receptor 1'
5 polymer 'Guanine nucleotide-binding protein G(i) subunit alpha-1,Guanine nucleotide-binding protein G(q) subunit alpha'
6 non-polymer '2-OXOGLUTARIC ACID'
#
loop_
_entity_poly.entity_id
_entity_poly.type
_entity_poly.pdbx_seq_one_letter_code
_entity_poly.pdbx_strand_id
1 'polypeptide(L)'
;DVQLVESGGGLVQPGGSRKLSCSASGFAFSSFGMHWVRQAPEKGLEWVAYISSGSGTIYYADTVKGRFTISRDDPKNTLF
LQMTSLRSEDTAMYYCVRSIYYYGSSPFDFWGQGTTLTVSSGGGGSGGGGSGGGGSDIVMTQATSSVPVTPGESVSISCR
SSKSLLHSNGNTYLYWFLQRPGQSPQLLIYRMSNLASGVPDRFSGSGSGTAFTLTISRLEAEDVGVYYCMQHLEYPLTFG
AGTKLEL
;
B
2 'polypeptide(L)'
;SELDQLRQEAEQLKNQIRDARKACADATLSQITNNIDPVGRIQMRTRRTLRGHLAKIYAMHWGTDSRLLVSASQDGKLII
WDSYTTNKVHAIPLRSSWVMTCAYAPSGNYVACGGLDNICSIYNLKTREGNVRVSRELAGHTGYLSCCRFLDDNQIVTSS
GDTTCALWDIETGQQTTTFTGHTGDVMSLSLAPDTRLFVSGACDASAKLWDVREGMCRQTFTGHESDINAICFFPNGNAF
ATGSDDATCRLFDLRADQELMTYSHDNIICGITSVSFSKSGRLLLAGYDDFNCNVWDALKADRAGVLAGHDNRVSCLGVT
DDGMAVATGSWDSFLKIWN
;
C
3 'polypeptide(L)' ASIAQARKLVEQLKMEANIDRIKVSKAAADLMAYCEAHAKEDPLLTPVPASENPFRE D
4 'polypeptide(L)'
;MNEPLDYLANASDFPDYAAAFGNCTDENIPLKMHYLPVIYGIIFLVGFPGNAVVISTYIFKMRPWKSSTIIMLNLACTDL
LYLTSLPFLIHYYASGENWIFGDFMCKFIRFSFHFNLYSSILFLTCFSIFRYCVIIHPMSCFSIHKTRCAVVACAVVWII
SLVAVIPMTFLITSTNRTNRSACLDLTSSDELNTIKWYNLILTATTFCLPLVIVTLCYTTIIHTLTHGLQTDSCLKQKAR
RLTILLLLAFYVCFLPFHILRVIRIESRLLSISCSIENQIHEAYIVSRPLAALNTFGNLLLYVVVSDNFQQAVCSTVRCK
VSGNLEQAKKISYSNNP
;
E
5 'polypeptide(L)'
;MGCTLSAEDKAAVERSKMIDRNLREDGEKAAREVKLLLLGAGESGKSTIVKQMKIIHEAGYSEEECKQYKAVVYSNTIQS
IIAIIRAMGRLKIDFGDSARADDARQLFVLAGAAEEGFMTAELAGVIKRLWKDSGVQACFNRSREYQLNDSAAYYLNDLD
RIAQPNYIPTQQDVLRTRVKTTGIVETHFTFKDLHFKMFDVGAQRSERKKWIHCFEGVTAIIFCVALSDYDLVLAEDEEM
NRMHESMKLFDSICNNKWFTDTSIILFLNKKDLFEEKIKKSPLTICYPEYAGSNTYEEAAAYIQCQFEDLNKRKDTKEIY
THFTCSTDTENIRFVFAAVKDTILQLNLKEYNLV
;
F
#
# COMPACT_ATOMS: atom_id res chain seq x y z
N VAL A 2 -22.37 27.25 0.18
CA VAL A 2 -23.03 26.12 0.83
C VAL A 2 -24.48 26.46 1.16
N GLN A 3 -25.40 25.70 0.60
CA GLN A 3 -26.81 25.89 0.90
C GLN A 3 -27.59 24.64 0.53
N LEU A 4 -28.68 24.42 1.28
CA LEU A 4 -29.65 23.38 0.99
C LEU A 4 -31.02 24.04 0.89
N VAL A 5 -31.70 23.81 -0.23
CA VAL A 5 -33.03 24.39 -0.47
C VAL A 5 -34.02 23.25 -0.59
N GLU A 6 -35.11 23.34 0.16
CA GLU A 6 -36.09 22.25 0.24
C GLU A 6 -37.37 22.64 -0.46
N SER A 7 -37.92 21.69 -1.21
CA SER A 7 -39.16 21.86 -1.94
C SER A 7 -40.13 20.76 -1.55
N GLY A 8 -41.42 21.07 -1.65
CA GLY A 8 -42.46 20.16 -1.24
C GLY A 8 -43.49 20.85 -0.36
N GLY A 9 -43.75 20.29 0.82
CA GLY A 9 -44.64 20.92 1.78
C GLY A 9 -46.04 21.14 1.27
N GLY A 10 -46.77 22.04 1.92
CA GLY A 10 -48.13 22.36 1.50
C GLY A 10 -49.17 21.67 2.35
N LEU A 11 -50.42 21.82 1.91
CA LEU A 11 -51.57 21.26 2.61
C LEU A 11 -51.90 19.87 2.07
N VAL A 12 -52.16 18.95 2.99
CA VAL A 12 -52.49 17.57 2.67
C VAL A 12 -53.73 17.16 3.46
N GLN A 13 -54.41 16.14 2.96
CA GLN A 13 -55.54 15.51 3.62
C GLN A 13 -55.06 14.38 4.53
N PRO A 14 -55.84 14.01 5.55
CA PRO A 14 -55.42 12.89 6.42
C PRO A 14 -55.46 11.57 5.67
N GLY A 15 -54.29 11.01 5.42
CA GLY A 15 -54.19 9.81 4.59
C GLY A 15 -53.86 10.19 3.17
N GLY A 16 -52.61 10.00 2.77
CA GLY A 16 -52.18 10.42 1.45
C GLY A 16 -50.69 10.27 1.30
N SER A 17 -50.14 10.94 0.30
CA SER A 17 -48.72 10.85 0.00
C SER A 17 -48.15 12.24 -0.27
N ARG A 18 -46.86 12.38 -0.01
CA ARG A 18 -46.16 13.64 -0.27
C ARG A 18 -44.68 13.31 -0.40
N LYS A 19 -43.94 14.24 -1.01
CA LYS A 19 -42.51 14.07 -1.23
C LYS A 19 -41.80 15.38 -0.99
N LEU A 20 -40.72 15.33 -0.20
CA LEU A 20 -39.90 16.49 0.09
C LEU A 20 -38.50 16.28 -0.51
N SER A 21 -37.91 17.36 -1.02
CA SER A 21 -36.62 17.26 -1.68
C SER A 21 -35.67 18.34 -1.19
N CYS A 22 -34.41 17.97 -1.00
CA CYS A 22 -33.33 18.90 -0.72
C CYS A 22 -32.43 18.97 -1.94
N SER A 23 -32.20 20.17 -2.44
CA SER A 23 -31.18 20.44 -3.45
C SER A 23 -30.03 21.13 -2.76
N ALA A 24 -28.84 20.53 -2.84
CA ALA A 24 -27.67 20.99 -2.10
C ALA A 24 -26.64 21.51 -3.08
N SER A 25 -26.19 22.75 -2.89
CA SER A 25 -25.21 23.37 -3.76
C SER A 25 -24.13 24.04 -2.90
N GLY A 26 -22.87 23.76 -3.24
CA GLY A 26 -21.74 24.40 -2.57
C GLY A 26 -20.83 23.48 -1.81
N PHE A 27 -21.04 22.16 -1.82
CA PHE A 27 -20.15 21.25 -1.10
C PHE A 27 -20.22 19.88 -1.76
N ALA A 28 -19.31 19.00 -1.34
CA ALA A 28 -19.23 17.64 -1.85
C ALA A 28 -20.35 16.83 -1.23
N PHE A 29 -21.50 16.80 -1.91
CA PHE A 29 -22.68 16.16 -1.37
C PHE A 29 -22.49 14.66 -1.14
N SER A 30 -21.62 14.01 -1.89
CA SER A 30 -21.47 12.56 -1.81
C SER A 30 -20.77 12.10 -0.54
N SER A 31 -20.08 12.99 0.15
CA SER A 31 -19.30 12.62 1.34
C SER A 31 -20.04 12.85 2.65
N PHE A 32 -21.24 13.42 2.60
CA PHE A 32 -21.97 13.80 3.81
C PHE A 32 -23.19 12.93 3.98
N GLY A 33 -23.31 12.29 5.15
CA GLY A 33 -24.57 11.67 5.52
C GLY A 33 -25.62 12.73 5.78
N MET A 34 -26.89 12.37 5.56
CA MET A 34 -27.95 13.37 5.54
C MET A 34 -29.09 12.97 6.45
N HIS A 35 -29.60 13.94 7.20
CA HIS A 35 -30.68 13.77 8.16
C HIS A 35 -31.87 14.62 7.77
N TRP A 36 -33.07 14.10 8.02
CA TRP A 36 -34.29 14.88 8.02
C TRP A 36 -34.74 15.01 9.47
N VAL A 37 -34.92 16.25 9.92
CA VAL A 37 -35.31 16.56 11.29
C VAL A 37 -36.53 17.48 11.24
N ARG A 38 -37.59 17.13 11.95
CA ARG A 38 -38.82 17.91 11.90
C ARG A 38 -39.08 18.60 13.23
N GLN A 39 -39.70 19.77 13.17
CA GLN A 39 -40.09 20.54 14.35
C GLN A 39 -41.57 20.85 14.27
N ALA A 40 -42.29 20.54 15.35
CA ALA A 40 -43.72 20.78 15.44
C ALA A 40 -44.00 22.28 15.42
N PRO A 41 -45.23 22.74 15.15
CA PRO A 41 -45.44 24.18 14.96
C PRO A 41 -45.01 25.03 16.14
N GLU A 42 -45.19 24.56 17.38
CA GLU A 42 -44.78 25.32 18.55
C GLU A 42 -44.09 24.40 19.57
N LYS A 43 -43.27 23.47 19.09
CA LYS A 43 -42.57 22.54 19.96
C LYS A 43 -41.13 22.40 19.50
N GLY A 44 -40.36 21.60 20.22
CA GLY A 44 -38.96 21.45 19.94
C GLY A 44 -38.68 20.53 18.76
N LEU A 45 -37.41 20.46 18.38
CA LEU A 45 -36.99 19.64 17.26
C LEU A 45 -37.18 18.16 17.57
N GLU A 46 -37.42 17.38 16.52
CA GLU A 46 -37.60 15.94 16.64
C GLU A 46 -36.92 15.27 15.46
N TRP A 47 -35.99 14.35 15.74
CA TRP A 47 -35.31 13.61 14.68
C TRP A 47 -36.30 12.74 13.91
N VAL A 48 -36.08 12.60 12.61
CA VAL A 48 -37.00 11.83 11.78
C VAL A 48 -36.26 10.68 11.09
N ALA A 49 -35.27 11.00 10.25
CA ALA A 49 -34.64 9.93 9.49
C ALA A 49 -33.21 10.28 9.14
N TYR A 50 -32.42 9.25 8.82
CA TYR A 50 -31.01 9.40 8.50
C TYR A 50 -30.61 8.42 7.40
N ILE A 51 -29.82 8.90 6.44
CA ILE A 51 -29.26 8.06 5.38
C ILE A 51 -27.77 8.33 5.31
N SER A 52 -26.98 7.27 5.25
CA SER A 52 -25.54 7.37 5.33
C SER A 52 -24.96 7.85 4.01
N SER A 53 -23.63 7.89 3.90
CA SER A 53 -22.95 8.23 2.66
C SER A 53 -22.77 6.97 1.83
N GLY A 54 -23.18 7.02 0.58
CA GLY A 54 -23.25 5.83 -0.23
C GLY A 54 -24.49 4.99 -0.01
N SER A 55 -25.43 5.48 0.79
CA SER A 55 -26.70 4.81 1.09
C SER A 55 -26.50 3.47 1.79
N GLY A 56 -25.34 3.25 2.41
CA GLY A 56 -25.10 1.99 3.06
C GLY A 56 -25.99 1.74 4.25
N THR A 57 -26.20 2.76 5.08
CA THR A 57 -26.95 2.61 6.33
C THR A 57 -28.12 3.58 6.36
N ILE A 58 -29.25 3.09 6.85
CA ILE A 58 -30.50 3.84 6.90
C ILE A 58 -31.13 3.66 8.27
N TYR A 59 -31.61 4.76 8.86
CA TYR A 59 -32.28 4.70 10.15
C TYR A 59 -33.54 5.55 10.12
N TYR A 60 -34.60 5.05 10.76
CA TYR A 60 -35.87 5.75 10.88
C TYR A 60 -36.25 5.88 12.35
N ALA A 61 -37.04 6.91 12.64
CA ALA A 61 -37.58 7.06 13.98
C ALA A 61 -38.68 6.02 14.22
N ASP A 62 -38.92 5.75 15.51
CA ASP A 62 -39.95 4.79 15.86
C ASP A 62 -41.34 5.28 15.44
N THR A 63 -41.59 6.58 15.59
CA THR A 63 -42.91 7.13 15.25
C THR A 63 -43.22 6.96 13.76
N VAL A 64 -42.23 7.20 12.91
CA VAL A 64 -42.42 7.09 11.47
C VAL A 64 -41.55 5.95 10.91
N LYS A 65 -42.16 4.77 10.79
CA LYS A 65 -41.47 3.60 10.28
C LYS A 65 -42.43 2.83 9.38
N GLY A 66 -41.90 2.33 8.26
CA GLY A 66 -42.70 1.63 7.28
C GLY A 66 -43.56 2.50 6.40
N ARG A 67 -43.87 3.72 6.82
CA ARG A 67 -44.65 4.66 6.01
C ARG A 67 -43.82 5.84 5.53
N PHE A 68 -42.59 5.98 6.00
CA PHE A 68 -41.66 7.00 5.52
C PHE A 68 -40.47 6.31 4.86
N THR A 69 -39.94 6.95 3.81
CA THR A 69 -38.79 6.41 3.09
C THR A 69 -37.80 7.52 2.80
N ILE A 70 -36.51 7.19 2.92
CA ILE A 70 -35.42 8.13 2.68
C ILE A 70 -34.65 7.66 1.46
N SER A 71 -34.31 8.59 0.57
CA SER A 71 -33.63 8.25 -0.67
C SER A 71 -32.62 9.33 -1.03
N ARG A 72 -31.67 8.95 -1.86
CA ARG A 72 -30.55 9.80 -2.23
C ARG A 72 -30.35 9.76 -3.74
N ASP A 73 -29.82 10.86 -4.28
CA ASP A 73 -29.47 10.96 -5.71
C ASP A 73 -28.18 11.77 -5.79
N ASP A 74 -27.04 11.08 -5.84
CA ASP A 74 -25.76 11.77 -5.80
C ASP A 74 -25.44 12.48 -7.11
N PRO A 75 -25.65 11.87 -8.29
CA PRO A 75 -25.39 12.62 -9.54
C PRO A 75 -26.15 13.94 -9.62
N LYS A 76 -27.39 13.99 -9.15
CA LYS A 76 -28.20 15.19 -9.21
C LYS A 76 -28.13 16.02 -7.94
N ASN A 77 -27.40 15.55 -6.92
CA ASN A 77 -27.25 16.24 -5.63
C ASN A 77 -28.62 16.55 -5.01
N THR A 78 -29.40 15.49 -4.79
CA THR A 78 -30.74 15.65 -4.25
C THR A 78 -30.98 14.60 -3.17
N LEU A 79 -31.77 14.99 -2.16
CA LEU A 79 -32.14 14.09 -1.07
C LEU A 79 -33.65 14.07 -0.96
N PHE A 80 -34.26 12.89 -1.03
CA PHE A 80 -35.70 12.75 -1.06
C PHE A 80 -36.21 12.11 0.22
N LEU A 81 -37.37 12.57 0.68
CA LEU A 81 -38.14 11.91 1.73
C LEU A 81 -39.56 11.72 1.21
N GLN A 82 -39.99 10.47 1.13
CA GLN A 82 -41.33 10.13 0.65
C GLN A 82 -42.17 9.70 1.85
N MET A 83 -43.28 10.39 2.06
CA MET A 83 -44.15 10.14 3.20
C MET A 83 -45.50 9.66 2.71
N THR A 84 -46.00 8.57 3.29
CA THR A 84 -47.28 7.99 2.94
C THR A 84 -48.13 7.82 4.19
N SER A 85 -49.45 7.93 4.02
CA SER A 85 -50.41 7.77 5.10
C SER A 85 -50.13 8.75 6.25
N LEU A 86 -50.26 10.03 5.93
CA LEU A 86 -49.96 11.09 6.89
C LEU A 86 -51.10 11.25 7.89
N ARG A 87 -50.75 11.23 9.17
CA ARG A 87 -51.70 11.51 10.24
C ARG A 87 -51.78 13.01 10.44
N SER A 88 -52.45 13.44 11.51
CA SER A 88 -52.51 14.84 11.88
C SER A 88 -51.29 15.28 12.70
N GLU A 89 -50.46 14.34 13.14
CA GLU A 89 -49.27 14.65 13.91
C GLU A 89 -48.05 14.89 13.02
N ASP A 90 -48.20 14.78 11.71
CA ASP A 90 -47.10 15.07 10.79
C ASP A 90 -47.04 16.53 10.39
N THR A 91 -48.01 17.35 10.80
CA THR A 91 -47.98 18.78 10.57
C THR A 91 -46.78 19.40 11.28
N ALA A 92 -45.80 19.86 10.53
CA ALA A 92 -44.54 20.31 11.13
C ALA A 92 -43.76 21.09 10.07
N MET A 93 -42.51 21.40 10.40
CA MET A 93 -41.56 22.04 9.50
C MET A 93 -40.32 21.16 9.44
N TYR A 94 -39.94 20.75 8.24
CA TYR A 94 -38.86 19.79 8.05
C TYR A 94 -37.59 20.50 7.62
N TYR A 95 -36.46 20.07 8.19
CA TYR A 95 -35.14 20.62 7.95
C TYR A 95 -34.21 19.52 7.46
N CYS A 96 -33.25 19.93 6.66
CA CYS A 96 -32.28 19.05 6.02
C CYS A 96 -30.91 19.33 6.64
N VAL A 97 -30.25 18.29 7.14
CA VAL A 97 -29.02 18.43 7.90
C VAL A 97 -27.93 17.57 7.29
N ARG A 98 -26.70 18.06 7.28
CA ARG A 98 -25.54 17.32 6.80
C ARG A 98 -24.66 16.94 7.98
N SER A 99 -24.01 15.78 7.86
CA SER A 99 -23.14 15.29 8.92
C SER A 99 -22.06 14.41 8.29
N ILE A 100 -20.80 14.77 8.53
CA ILE A 100 -19.65 14.00 8.06
C ILE A 100 -18.93 13.45 9.27
N TYR A 101 -18.62 12.15 9.24
CA TYR A 101 -18.06 11.44 10.39
C TYR A 101 -16.67 10.94 10.07
N TYR A 102 -15.69 11.44 10.82
CA TYR A 102 -14.35 10.87 10.89
C TYR A 102 -13.71 11.39 12.16
N TYR A 103 -12.44 11.07 12.37
CA TYR A 103 -11.78 11.46 13.61
C TYR A 103 -11.59 12.97 13.64
N GLY A 104 -12.36 13.65 14.48
CA GLY A 104 -12.25 15.08 14.65
C GLY A 104 -13.22 15.91 13.84
N SER A 105 -14.24 15.31 13.23
CA SER A 105 -15.18 16.04 12.41
C SER A 105 -16.19 16.77 13.28
N SER A 106 -17.09 17.51 12.64
CA SER A 106 -18.11 18.32 13.31
C SER A 106 -19.47 18.01 12.70
N PRO A 107 -20.12 16.94 13.13
CA PRO A 107 -21.43 16.60 12.57
C PRO A 107 -22.48 17.64 12.92
N PHE A 108 -23.52 17.71 12.08
CA PHE A 108 -24.68 18.58 12.28
C PHE A 108 -24.35 20.06 12.15
N ASP A 109 -23.29 20.39 11.39
CA ASP A 109 -22.79 21.76 11.40
C ASP A 109 -23.72 22.71 10.64
N PHE A 110 -24.22 22.30 9.48
CA PHE A 110 -25.04 23.17 8.63
C PHE A 110 -26.46 22.62 8.57
N TRP A 111 -27.42 23.44 8.96
CA TRP A 111 -28.85 23.12 8.88
C TRP A 111 -29.46 23.93 7.75
N GLY A 112 -30.14 23.25 6.83
CA GLY A 112 -30.80 23.94 5.75
C GLY A 112 -31.97 24.77 6.22
N GLN A 113 -32.74 25.31 5.29
CA GLN A 113 -33.94 26.06 5.64
C GLN A 113 -35.05 25.05 5.97
N GLY A 114 -36.28 25.51 6.06
CA GLY A 114 -37.39 24.65 6.43
C GLY A 114 -38.47 24.61 5.36
N THR A 115 -39.15 23.46 5.28
CA THR A 115 -40.32 23.33 4.42
C THR A 115 -41.49 22.82 5.27
N THR A 116 -42.63 23.49 5.15
CA THR A 116 -43.76 23.25 6.05
C THR A 116 -44.73 22.24 5.43
N LEU A 117 -45.17 21.27 6.23
CA LEU A 117 -46.21 20.33 5.85
C LEU A 117 -47.38 20.52 6.82
N THR A 118 -48.58 20.69 6.27
CA THR A 118 -49.77 20.91 7.09
C THR A 118 -50.83 19.90 6.68
N VAL A 119 -51.12 18.94 7.56
CA VAL A 119 -52.16 17.96 7.32
C VAL A 119 -53.43 18.45 8.00
N SER A 120 -54.47 18.68 7.21
CA SER A 120 -55.69 19.31 7.69
C SER A 120 -56.67 18.26 8.21
N SER A 121 -57.03 18.37 9.49
CA SER A 121 -57.96 17.43 10.11
C SER A 121 -58.72 18.08 11.25
N SER A 136 -34.87 1.30 25.97
CA SER A 136 -35.69 2.39 25.42
C SER A 136 -34.81 3.49 24.84
N ASP A 137 -35.33 4.70 24.83
CA ASP A 137 -34.65 5.87 24.28
C ASP A 137 -34.16 6.77 25.40
N ILE A 138 -32.95 7.29 25.25
CA ILE A 138 -32.40 8.21 26.24
C ILE A 138 -33.29 9.43 26.36
N VAL A 139 -33.48 9.90 27.58
CA VAL A 139 -34.33 11.06 27.86
C VAL A 139 -33.45 12.20 28.35
N MET A 140 -33.54 13.34 27.68
CA MET A 140 -32.77 14.53 28.02
C MET A 140 -33.70 15.60 28.54
N THR A 141 -33.32 16.23 29.65
CA THR A 141 -34.19 17.15 30.38
C THR A 141 -33.56 18.54 30.44
N GLN A 142 -34.38 19.56 30.17
CA GLN A 142 -34.00 20.96 30.34
C GLN A 142 -35.00 21.56 31.32
N ALA A 143 -34.60 21.73 32.58
CA ALA A 143 -35.52 22.11 33.63
C ALA A 143 -36.12 23.48 33.40
N THR A 144 -35.26 24.48 33.17
CA THR A 144 -35.71 25.86 33.08
C THR A 144 -36.20 26.14 31.65
N SER A 145 -37.51 26.38 31.52
CA SER A 145 -38.08 26.65 30.21
C SER A 145 -37.79 28.07 29.73
N SER A 146 -37.82 29.05 30.63
CA SER A 146 -37.62 30.44 30.26
C SER A 146 -36.65 31.08 31.25
N VAL A 147 -35.88 32.04 30.75
CA VAL A 147 -34.86 32.72 31.56
C VAL A 147 -34.83 34.20 31.18
N PRO A 148 -35.10 35.12 32.12
CA PRO A 148 -34.97 36.55 31.82
C PRO A 148 -33.54 37.04 31.99
N VAL A 149 -32.98 37.65 30.94
CA VAL A 149 -31.58 38.06 30.92
C VAL A 149 -31.46 39.48 30.37
N THR A 150 -30.33 40.11 30.67
CA THR A 150 -29.98 41.43 30.20
C THR A 150 -28.58 41.42 29.61
N PRO A 151 -28.31 42.24 28.60
CA PRO A 151 -27.01 42.19 27.93
C PRO A 151 -25.86 42.60 28.86
N GLY A 152 -24.68 42.07 28.55
CA GLY A 152 -23.48 42.39 29.30
C GLY A 152 -23.25 41.56 30.55
N GLU A 153 -24.00 40.48 30.74
CA GLU A 153 -23.89 39.64 31.93
C GLU A 153 -23.51 38.22 31.52
N SER A 154 -23.52 37.32 32.50
CA SER A 154 -23.19 35.92 32.29
C SER A 154 -24.41 35.05 32.58
N VAL A 155 -24.65 34.06 31.71
CA VAL A 155 -25.79 33.17 31.82
C VAL A 155 -25.29 31.73 31.82
N SER A 156 -26.12 30.83 32.35
CA SER A 156 -25.79 29.42 32.40
C SER A 156 -27.03 28.60 32.06
N ILE A 157 -26.88 27.66 31.13
CA ILE A 157 -27.95 26.76 30.71
C ILE A 157 -27.47 25.33 30.92
N SER A 158 -28.29 24.52 31.58
CA SER A 158 -27.89 23.16 31.95
C SER A 158 -28.87 22.15 31.37
N CYS A 159 -28.31 21.05 30.86
CA CYS A 159 -29.06 19.88 30.39
C CYS A 159 -28.82 18.73 31.35
N ARG A 160 -29.51 17.61 31.10
CA ARG A 160 -29.37 16.42 31.95
C ARG A 160 -29.95 15.21 31.25
N SER A 161 -29.19 14.12 31.21
CA SER A 161 -29.57 12.91 30.47
C SER A 161 -29.87 11.78 31.45
N SER A 162 -30.83 10.93 31.06
CA SER A 162 -31.17 9.78 31.89
C SER A 162 -30.00 8.81 32.00
N LYS A 163 -29.33 8.54 30.88
CA LYS A 163 -28.17 7.66 30.85
C LYS A 163 -26.91 8.52 30.93
N SER A 164 -25.75 7.88 30.79
CA SER A 164 -24.46 8.57 30.78
C SER A 164 -23.89 8.52 29.38
N LEU A 165 -23.55 9.70 28.85
CA LEU A 165 -23.09 9.83 27.47
C LEU A 165 -21.59 9.68 27.33
N LEU A 166 -20.87 9.38 28.40
CA LEU A 166 -19.42 9.19 28.34
C LEU A 166 -19.13 7.76 27.88
N HIS A 167 -18.59 7.62 26.67
CA HIS A 167 -18.27 6.31 26.14
C HIS A 167 -16.94 5.83 26.71
N SER A 168 -16.60 4.58 26.40
CA SER A 168 -15.36 3.97 26.89
C SER A 168 -14.12 4.52 26.22
N ASN A 169 -14.26 5.21 25.09
CA ASN A 169 -13.12 5.79 24.40
C ASN A 169 -12.82 7.22 24.83
N GLY A 170 -13.53 7.75 25.82
CA GLY A 170 -13.28 9.06 26.37
C GLY A 170 -14.13 10.17 25.78
N ASN A 171 -14.88 9.90 24.72
CA ASN A 171 -15.69 10.92 24.07
C ASN A 171 -17.05 11.01 24.76
N THR A 172 -17.47 12.24 25.09
CA THR A 172 -18.79 12.51 25.63
C THR A 172 -19.62 13.17 24.53
N TYR A 173 -20.65 12.48 24.07
CA TYR A 173 -21.43 12.92 22.90
C TYR A 173 -22.58 13.80 23.36
N LEU A 174 -22.38 15.12 23.29
CA LEU A 174 -23.44 16.07 23.59
C LEU A 174 -23.26 17.30 22.70
N TYR A 175 -24.35 17.76 22.12
CA TYR A 175 -24.33 18.86 21.15
C TYR A 175 -25.28 19.95 21.61
N TRP A 176 -24.89 21.21 21.39
CA TRP A 176 -25.70 22.36 21.74
C TRP A 176 -26.03 23.15 20.47
N PHE A 177 -27.31 23.45 20.29
CA PHE A 177 -27.80 24.19 19.13
C PHE A 177 -28.52 25.46 19.59
N LEU A 178 -28.50 26.48 18.73
CA LEU A 178 -29.19 27.73 19.00
C LEU A 178 -30.09 28.06 17.81
N GLN A 179 -31.36 28.31 18.09
CA GLN A 179 -32.34 28.67 17.06
C GLN A 179 -32.85 30.08 17.37
N ARG A 180 -32.52 31.02 16.49
CA ARG A 180 -32.91 32.41 16.65
C ARG A 180 -34.38 32.57 16.25
N PRO A 181 -35.01 33.70 16.60
CA PRO A 181 -36.47 33.82 16.37
C PRO A 181 -36.84 33.90 14.90
N GLY A 182 -36.93 32.75 14.25
CA GLY A 182 -37.32 32.68 12.86
C GLY A 182 -36.19 32.28 11.94
N GLN A 183 -35.33 31.38 12.41
CA GLN A 183 -34.19 30.93 11.63
C GLN A 183 -33.92 29.46 11.93
N SER A 184 -33.16 28.82 11.05
CA SER A 184 -32.77 27.44 11.26
C SER A 184 -31.75 27.34 12.40
N PRO A 185 -31.74 26.24 13.15
CA PRO A 185 -30.81 26.10 14.26
C PRO A 185 -29.36 26.12 13.79
N GLN A 186 -28.49 26.60 14.67
CA GLN A 186 -27.06 26.72 14.40
C GLN A 186 -26.28 25.97 15.46
N LEU A 187 -25.25 25.23 15.02
CA LEU A 187 -24.44 24.44 15.94
C LEU A 187 -23.45 25.33 16.68
N LEU A 188 -23.37 25.16 18.00
CA LEU A 188 -22.41 25.87 18.83
C LEU A 188 -21.34 24.96 19.41
N ILE A 189 -21.74 23.89 20.07
CA ILE A 189 -20.83 22.98 20.77
C ILE A 189 -21.06 21.57 20.25
N TYR A 190 -19.98 20.86 19.94
CA TYR A 190 -20.08 19.45 19.58
C TYR A 190 -19.17 18.64 20.48
N ARG A 191 -19.72 17.56 21.04
CA ARG A 191 -19.03 16.67 21.98
C ARG A 191 -18.67 17.38 23.28
N MET A 192 -19.51 18.34 23.68
CA MET A 192 -19.60 18.90 25.03
C MET A 192 -18.45 19.85 25.38
N SER A 193 -17.40 19.91 24.57
CA SER A 193 -16.29 20.79 24.91
C SER A 193 -15.68 21.51 23.72
N ASN A 194 -16.13 21.24 22.49
CA ASN A 194 -15.52 21.82 21.31
C ASN A 194 -16.37 22.97 20.78
N LEU A 195 -15.72 23.87 20.05
CA LEU A 195 -16.36 25.07 19.52
C LEU A 195 -16.45 24.96 18.00
N ALA A 196 -17.67 25.10 17.49
CA ALA A 196 -17.87 25.08 16.05
C ALA A 196 -17.26 26.32 15.41
N SER A 197 -16.83 26.16 14.15
CA SER A 197 -16.20 27.27 13.45
C SER A 197 -17.20 28.40 13.21
N GLY A 198 -16.73 29.63 13.43
CA GLY A 198 -17.57 30.80 13.28
C GLY A 198 -18.34 31.20 14.52
N VAL A 199 -18.25 30.44 15.60
CA VAL A 199 -18.92 30.77 16.85
C VAL A 199 -17.97 31.60 17.71
N PRO A 200 -18.41 32.73 18.26
CA PRO A 200 -17.53 33.55 19.09
C PRO A 200 -17.05 32.79 20.31
N ASP A 201 -15.83 33.12 20.75
CA ASP A 201 -15.18 32.40 21.83
C ASP A 201 -15.88 32.55 23.18
N ARG A 202 -16.81 33.50 23.32
CA ARG A 202 -17.50 33.66 24.59
C ARG A 202 -18.40 32.47 24.93
N PHE A 203 -18.83 31.70 23.94
CA PHE A 203 -19.59 30.49 24.20
C PHE A 203 -18.66 29.39 24.69
N SER A 204 -19.04 28.75 25.80
CA SER A 204 -18.24 27.67 26.36
C SER A 204 -19.16 26.62 26.96
N GLY A 205 -18.79 25.36 26.80
CA GLY A 205 -19.59 24.26 27.33
C GLY A 205 -18.72 23.26 28.05
N SER A 206 -19.28 22.67 29.10
CA SER A 206 -18.58 21.69 29.91
C SER A 206 -19.62 20.83 30.63
N GLY A 207 -19.18 20.04 31.58
CA GLY A 207 -20.08 19.22 32.37
C GLY A 207 -19.43 17.89 32.73
N SER A 208 -20.28 16.98 33.21
CA SER A 208 -19.87 15.66 33.67
C SER A 208 -20.55 14.60 32.80
N GLY A 209 -20.43 13.34 33.21
CA GLY A 209 -21.01 12.25 32.45
C GLY A 209 -22.52 12.26 32.38
N THR A 210 -23.19 12.98 33.29
CA THR A 210 -24.65 13.04 33.30
C THR A 210 -25.20 14.46 33.32
N ALA A 211 -24.53 15.42 33.94
CA ALA A 211 -25.00 16.80 34.01
C ALA A 211 -24.03 17.70 33.25
N PHE A 212 -24.57 18.50 32.34
CA PHE A 212 -23.79 19.39 31.49
C PHE A 212 -24.26 20.82 31.68
N THR A 213 -23.51 21.75 31.10
CA THR A 213 -23.86 23.16 31.22
C THR A 213 -23.29 23.93 30.03
N LEU A 214 -23.88 25.08 29.77
CA LEU A 214 -23.40 26.01 28.75
C LEU A 214 -23.27 27.39 29.37
N THR A 215 -22.17 28.07 29.05
CA THR A 215 -21.85 29.37 29.64
C THR A 215 -21.69 30.40 28.54
N ILE A 216 -22.42 31.51 28.65
CA ILE A 216 -22.27 32.66 27.77
C ILE A 216 -21.62 33.74 28.61
N SER A 217 -20.34 34.01 28.36
CA SER A 217 -19.57 34.91 29.23
C SER A 217 -20.14 36.32 29.19
N ARG A 218 -20.29 36.88 28.00
CA ARG A 218 -20.78 38.25 27.83
C ARG A 218 -21.93 38.24 26.85
N LEU A 219 -23.14 38.48 27.34
CA LEU A 219 -24.33 38.42 26.51
C LEU A 219 -24.37 39.60 25.55
N GLU A 220 -25.08 39.41 24.44
CA GLU A 220 -25.31 40.45 23.44
C GLU A 220 -26.78 40.42 23.05
N ALA A 221 -27.14 41.20 22.05
CA ALA A 221 -28.52 41.26 21.58
C ALA A 221 -28.84 40.21 20.54
N GLU A 222 -27.86 39.45 20.08
CA GLU A 222 -28.08 38.41 19.08
C GLU A 222 -28.04 37.00 19.65
N ASP A 223 -27.86 36.86 20.97
CA ASP A 223 -27.85 35.55 21.61
C ASP A 223 -29.21 35.13 22.11
N VAL A 224 -30.25 35.93 21.89
CA VAL A 224 -31.59 35.60 22.35
C VAL A 224 -32.19 34.54 21.43
N GLY A 225 -32.71 33.48 22.03
CA GLY A 225 -33.27 32.39 21.24
C GLY A 225 -33.57 31.19 22.13
N VAL A 226 -33.57 30.01 21.51
CA VAL A 226 -33.88 28.76 22.19
C VAL A 226 -32.71 27.82 22.00
N TYR A 227 -32.25 27.21 23.10
CA TYR A 227 -31.10 26.33 23.11
C TYR A 227 -31.54 24.89 23.33
N TYR A 228 -31.00 23.97 22.53
CA TYR A 228 -31.35 22.56 22.58
C TYR A 228 -30.10 21.73 22.83
N CYS A 229 -30.23 20.70 23.66
CA CYS A 229 -29.18 19.73 23.88
C CYS A 229 -29.57 18.41 23.22
N MET A 230 -28.65 17.82 22.49
CA MET A 230 -28.90 16.58 21.76
C MET A 230 -27.79 15.58 22.07
N GLN A 231 -28.14 14.30 22.07
CA GLN A 231 -27.20 13.23 22.32
C GLN A 231 -26.92 12.47 21.02
N HIS A 232 -25.70 11.95 20.91
CA HIS A 232 -25.29 11.16 19.75
C HIS A 232 -24.62 9.87 20.20
N LEU A 233 -25.15 9.26 21.26
CA LEU A 233 -24.63 7.97 21.72
C LEU A 233 -25.37 6.81 21.07
N GLU A 234 -26.68 6.74 21.23
CA GLU A 234 -27.51 5.74 20.57
C GLU A 234 -28.37 6.43 19.53
N TYR A 235 -28.56 5.75 18.40
CA TYR A 235 -28.98 6.42 17.17
C TYR A 235 -30.41 6.97 17.20
N PRO A 236 -31.31 6.55 18.09
CA PRO A 236 -32.57 7.30 18.24
C PRO A 236 -32.42 8.83 18.28
N LEU A 237 -31.30 9.37 18.75
CA LEU A 237 -31.04 10.81 18.73
C LEU A 237 -32.19 11.62 19.34
N THR A 238 -32.38 11.46 20.64
CA THR A 238 -33.32 12.28 21.37
C THR A 238 -32.80 13.71 21.49
N PHE A 239 -33.72 14.66 21.47
CA PHE A 239 -33.43 16.06 21.68
C PHE A 239 -33.90 16.48 23.06
N GLY A 240 -33.46 17.66 23.49
CA GLY A 240 -33.93 18.22 24.74
C GLY A 240 -34.98 19.28 24.51
N ALA A 241 -35.72 19.64 25.54
CA ALA A 241 -36.70 20.71 25.40
C ALA A 241 -35.98 22.05 25.24
N GLY A 242 -36.77 23.10 25.08
CA GLY A 242 -36.22 24.42 24.84
C GLY A 242 -36.00 25.20 26.12
N THR A 243 -34.96 26.04 26.10
CA THR A 243 -34.65 26.98 27.18
C THR A 243 -34.57 28.36 26.55
N LYS A 244 -35.68 29.09 26.60
CA LYS A 244 -35.79 30.37 25.90
C LYS A 244 -35.12 31.48 26.68
N LEU A 245 -34.29 32.26 25.98
CA LEU A 245 -33.65 33.45 26.54
C LEU A 245 -34.33 34.69 25.98
N GLU A 246 -34.73 35.59 26.87
CA GLU A 246 -35.44 36.80 26.48
C GLU A 246 -34.86 38.00 27.20
N LEU A 247 -34.98 39.17 26.56
CA LEU A 247 -34.46 40.40 27.13
C LEU A 247 -35.27 40.83 28.36
N SER B 1 50.05 34.43 -8.42
CA SER B 1 48.67 34.34 -8.88
C SER B 1 47.69 34.58 -7.73
N GLU B 2 46.68 35.42 -7.99
CA GLU B 2 45.70 35.72 -6.96
C GLU B 2 44.88 34.49 -6.60
N LEU B 3 44.56 33.65 -7.60
CA LEU B 3 43.86 32.40 -7.32
C LEU B 3 44.68 31.51 -6.41
N ASP B 4 45.99 31.40 -6.68
CA ASP B 4 46.86 30.61 -5.82
C ASP B 4 46.91 31.17 -4.40
N GLN B 5 46.98 32.50 -4.28
CA GLN B 5 46.99 33.12 -2.96
C GLN B 5 45.72 32.82 -2.19
N LEU B 6 44.57 32.89 -2.87
CA LEU B 6 43.29 32.59 -2.22
C LEU B 6 43.21 31.13 -1.81
N ARG B 7 43.71 30.22 -2.65
CA ARG B 7 43.73 28.81 -2.29
C ARG B 7 44.62 28.56 -1.07
N GLN B 8 45.80 29.19 -1.01
CA GLN B 8 46.65 29.04 0.16
C GLN B 8 46.00 29.61 1.40
N GLU B 9 45.31 30.75 1.27
CA GLU B 9 44.58 31.32 2.41
C GLU B 9 43.50 30.35 2.90
N ALA B 10 42.76 29.74 1.98
CA ALA B 10 41.74 28.78 2.37
C ALA B 10 42.35 27.57 3.07
N GLU B 11 43.46 27.06 2.55
CA GLU B 11 44.12 25.93 3.18
C GLU B 11 44.62 26.28 4.58
N GLN B 12 45.20 27.47 4.74
CA GLN B 12 45.67 27.90 6.05
C GLN B 12 44.52 28.04 7.03
N LEU B 13 43.39 28.58 6.58
CA LEU B 13 42.24 28.73 7.47
C LEU B 13 41.66 27.38 7.86
N LYS B 14 41.63 26.42 6.92
CA LYS B 14 41.18 25.08 7.26
C LYS B 14 42.12 24.43 8.28
N ASN B 15 43.43 24.62 8.12
CA ASN B 15 44.38 24.10 9.09
C ASN B 15 44.16 24.73 10.46
N GLN B 16 43.91 26.04 10.50
CA GLN B 16 43.65 26.71 11.77
C GLN B 16 42.38 26.18 12.42
N ILE B 17 41.34 25.95 11.64
CA ILE B 17 40.10 25.39 12.19
C ILE B 17 40.35 24.01 12.75
N ARG B 18 41.11 23.18 12.03
CA ARG B 18 41.40 21.83 12.52
C ARG B 18 42.20 21.87 13.81
N ASP B 19 43.20 22.76 13.89
CA ASP B 19 43.98 22.88 15.11
C ASP B 19 43.14 23.36 16.28
N ALA B 20 42.25 24.33 16.04
CA ALA B 20 41.37 24.80 17.10
C ALA B 20 40.44 23.69 17.57
N ARG B 21 39.91 22.89 16.64
CA ARG B 21 39.06 21.77 17.01
C ARG B 21 39.82 20.74 17.84
N LYS B 22 41.06 20.45 17.45
CA LYS B 22 41.85 19.47 18.19
C LYS B 22 42.21 19.96 19.58
N ALA B 23 42.53 21.25 19.72
CA ALA B 23 42.99 21.78 21.00
C ALA B 23 41.92 21.73 22.08
N CYS B 24 40.65 21.62 21.71
CA CYS B 24 39.55 21.60 22.67
C CYS B 24 39.06 20.20 23.00
N ALA B 25 39.80 19.17 22.58
CA ALA B 25 39.42 17.78 22.83
C ALA B 25 40.31 17.24 23.94
N ASP B 26 39.71 17.00 25.11
CA ASP B 26 40.43 16.44 26.25
C ASP B 26 40.02 15.01 26.58
N ALA B 27 38.77 14.64 26.35
CA ALA B 27 38.29 13.29 26.57
C ALA B 27 37.31 12.92 25.46
N THR B 28 36.67 11.77 25.59
CA THR B 28 35.71 11.31 24.60
C THR B 28 34.46 10.81 25.30
N LEU B 29 33.36 10.74 24.54
CA LEU B 29 32.10 10.24 25.08
C LEU B 29 32.24 8.80 25.53
N SER B 30 32.97 7.98 24.78
CA SER B 30 33.17 6.59 25.17
C SER B 30 34.08 6.45 26.38
N GLN B 31 34.97 7.40 26.60
CA GLN B 31 35.86 7.38 27.76
C GLN B 31 35.24 8.01 28.99
N ILE B 32 34.16 8.78 28.83
CA ILE B 32 33.49 9.41 29.95
C ILE B 32 32.31 8.55 30.37
N THR B 33 31.44 8.21 29.42
CA THR B 33 30.29 7.35 29.70
C THR B 33 30.75 5.89 29.71
N ASN B 34 31.54 5.57 30.73
CA ASN B 34 32.13 4.24 30.87
C ASN B 34 31.63 3.50 32.10
N ASN B 35 30.93 4.17 33.02
CA ASN B 35 30.49 3.54 34.25
C ASN B 35 28.98 3.50 34.41
N ILE B 36 28.21 3.97 33.43
CA ILE B 36 26.77 3.92 33.50
C ILE B 36 26.30 2.52 33.16
N ASP B 37 25.14 2.14 33.69
CA ASP B 37 24.61 0.81 33.43
C ASP B 37 24.05 0.72 32.02
N PRO B 38 24.30 -0.38 31.31
CA PRO B 38 23.75 -0.53 29.96
C PRO B 38 22.23 -0.62 29.98
N VAL B 39 21.62 -0.21 28.87
CA VAL B 39 20.16 -0.23 28.77
C VAL B 39 19.65 -1.67 28.84
N GLY B 40 20.34 -2.60 28.19
CA GLY B 40 19.93 -3.98 28.20
C GLY B 40 19.54 -4.47 26.82
N ARG B 41 18.39 -5.16 26.74
CA ARG B 41 17.86 -5.63 25.47
C ARG B 41 16.50 -4.97 25.25
N ILE B 42 16.35 -4.29 24.12
CA ILE B 42 15.13 -3.56 23.80
C ILE B 42 14.32 -4.45 22.85
N GLN B 43 13.28 -5.08 23.38
CA GLN B 43 12.42 -5.95 22.61
C GLN B 43 11.10 -5.25 22.30
N MET B 44 10.76 -5.16 21.02
CA MET B 44 9.56 -4.49 20.57
C MET B 44 8.76 -5.44 19.68
N ARG B 45 7.44 -5.31 19.73
CA ARG B 45 6.55 -6.15 18.94
C ARG B 45 5.58 -5.29 18.15
N THR B 46 5.33 -5.68 16.91
CA THR B 46 4.39 -4.94 16.07
C THR B 46 3.00 -4.99 16.67
N ARG B 47 2.35 -3.83 16.73
CA ARG B 47 1.01 -3.71 17.30
C ARG B 47 -0.03 -3.28 16.28
N ARG B 48 0.37 -2.55 15.24
CA ARG B 48 -0.53 -2.19 14.15
C ARG B 48 0.19 -2.44 12.83
N THR B 49 -0.59 -2.70 11.79
CA THR B 49 -0.06 -2.88 10.44
C THR B 49 -1.01 -2.16 9.49
N LEU B 50 -0.61 -0.98 9.04
CA LEU B 50 -1.45 -0.13 8.20
C LEU B 50 -1.22 -0.51 6.74
N ARG B 51 -2.22 -1.13 6.13
CA ARG B 51 -2.15 -1.57 4.74
C ARG B 51 -3.13 -0.78 3.89
N GLY B 52 -2.87 -0.77 2.58
CA GLY B 52 -3.70 -0.02 1.66
C GLY B 52 -2.93 0.63 0.53
N HIS B 53 -1.65 0.91 0.75
CA HIS B 53 -0.81 1.39 -0.34
C HIS B 53 -0.48 0.25 -1.29
N LEU B 54 -0.34 0.57 -2.57
CA LEU B 54 -0.11 -0.44 -3.60
C LEU B 54 1.21 -0.21 -4.34
N ALA B 55 2.17 0.43 -3.70
CA ALA B 55 3.49 0.68 -4.28
C ALA B 55 4.43 1.08 -3.13
N LYS B 56 5.66 1.41 -3.48
CA LYS B 56 6.66 1.74 -2.47
C LYS B 56 6.23 2.97 -1.67
N ILE B 57 6.54 2.95 -0.38
CA ILE B 57 6.25 4.07 0.53
C ILE B 57 7.55 4.84 0.71
N TYR B 58 7.52 6.14 0.42
CA TYR B 58 8.76 6.91 0.36
C TYR B 58 8.95 7.90 1.51
N ALA B 59 7.88 8.28 2.21
CA ALA B 59 8.01 9.23 3.30
C ALA B 59 6.81 9.08 4.23
N MET B 60 6.93 9.66 5.42
CA MET B 60 5.92 9.55 6.45
C MET B 60 6.25 10.55 7.56
N HIS B 61 5.21 11.16 8.13
CA HIS B 61 5.39 12.12 9.21
C HIS B 61 4.28 11.94 10.23
N TRP B 62 4.64 12.03 11.51
CA TRP B 62 3.68 11.92 12.60
C TRP B 62 2.94 13.23 12.81
N GLY B 63 1.71 13.12 13.32
CA GLY B 63 1.00 14.29 13.76
C GLY B 63 1.46 14.75 15.13
N THR B 64 1.26 16.04 15.41
CA THR B 64 1.69 16.60 16.67
C THR B 64 0.92 16.00 17.86
N ASP B 65 -0.32 15.57 17.64
CA ASP B 65 -1.10 14.94 18.70
C ASP B 65 -0.75 13.47 18.91
N SER B 66 0.18 12.93 18.12
CA SER B 66 0.70 11.58 18.25
C SER B 66 -0.36 10.51 18.01
N ARG B 67 -1.40 10.83 17.27
CA ARG B 67 -2.41 9.84 16.91
C ARG B 67 -2.65 9.77 15.40
N LEU B 68 -2.61 10.90 14.72
CA LEU B 68 -2.81 10.95 13.28
C LEU B 68 -1.46 10.90 12.56
N LEU B 69 -1.46 10.25 11.39
CA LEU B 69 -0.22 9.98 10.68
C LEU B 69 -0.45 10.18 9.19
N VAL B 70 0.60 10.52 8.46
CA VAL B 70 0.52 10.75 7.02
C VAL B 70 1.59 9.93 6.32
N SER B 71 1.26 9.38 5.15
CA SER B 71 2.19 8.57 4.38
C SER B 71 2.04 8.86 2.90
N ALA B 72 3.17 8.87 2.20
CA ALA B 72 3.21 9.11 0.76
C ALA B 72 3.75 7.88 0.05
N SER B 73 3.04 7.45 -1.00
CA SER B 73 3.50 6.32 -1.79
C SER B 73 3.61 6.72 -3.26
N GLN B 74 4.30 5.87 -4.01
CA GLN B 74 4.58 6.14 -5.42
C GLN B 74 3.44 5.75 -6.35
N ASP B 75 2.35 5.22 -5.82
CA ASP B 75 1.15 5.02 -6.63
C ASP B 75 0.34 6.30 -6.78
N GLY B 76 0.86 7.42 -6.31
CA GLY B 76 0.17 8.69 -6.39
C GLY B 76 -0.87 8.84 -5.30
N LYS B 77 -0.48 8.61 -4.05
CA LYS B 77 -1.43 8.67 -2.95
C LYS B 77 -0.76 9.21 -1.69
N LEU B 78 -1.48 10.11 -1.02
CA LEU B 78 -1.17 10.58 0.32
C LEU B 78 -2.29 10.12 1.24
N ILE B 79 -1.98 9.25 2.19
CA ILE B 79 -3.00 8.69 3.07
C ILE B 79 -2.77 9.21 4.48
N ILE B 80 -3.84 9.71 5.09
CA ILE B 80 -3.83 10.17 6.47
C ILE B 80 -4.62 9.16 7.29
N TRP B 81 -3.92 8.47 8.19
CA TRP B 81 -4.47 7.40 9.02
C TRP B 81 -4.65 7.86 10.46
N ASP B 82 -5.59 7.20 11.13
CA ASP B 82 -5.73 7.27 12.58
C ASP B 82 -5.08 6.01 13.14
N SER B 83 -3.92 6.17 13.78
CA SER B 83 -3.10 5.02 14.13
C SER B 83 -3.78 4.13 15.17
N TYR B 84 -4.56 4.72 16.08
CA TYR B 84 -5.16 3.94 17.15
C TYR B 84 -6.12 2.90 16.62
N THR B 85 -6.95 3.26 15.64
CA THR B 85 -7.95 2.36 15.09
C THR B 85 -7.65 1.88 13.67
N THR B 86 -6.57 2.36 13.06
CA THR B 86 -6.12 2.04 11.70
C THR B 86 -7.09 2.53 10.63
N ASN B 87 -8.07 3.35 10.98
CA ASN B 87 -9.00 3.88 9.99
C ASN B 87 -8.29 4.86 9.07
N LYS B 88 -8.79 4.93 7.83
CA LYS B 88 -8.25 5.86 6.83
C LYS B 88 -9.03 7.16 6.94
N VAL B 89 -8.44 8.16 7.58
CA VAL B 89 -9.12 9.44 7.72
C VAL B 89 -9.24 10.15 6.37
N HIS B 90 -8.14 10.19 5.61
CA HIS B 90 -8.13 10.90 4.33
C HIS B 90 -7.30 10.14 3.30
N ALA B 91 -7.65 10.32 2.03
CA ALA B 91 -6.87 9.78 0.92
C ALA B 91 -6.86 10.83 -0.19
N ILE B 92 -5.68 11.35 -0.49
CA ILE B 92 -5.51 12.47 -1.42
C ILE B 92 -4.78 11.95 -2.65
N PRO B 93 -5.34 12.13 -3.85
CA PRO B 93 -4.61 11.77 -5.08
C PRO B 93 -3.75 12.93 -5.59
N LEU B 94 -2.54 12.60 -6.01
CA LEU B 94 -1.56 13.59 -6.40
C LEU B 94 -1.57 13.82 -7.91
N ARG B 95 -1.25 15.05 -8.29
CA ARG B 95 -1.12 15.36 -9.72
C ARG B 95 0.05 14.60 -10.35
N SER B 96 1.16 14.50 -9.63
CA SER B 96 2.33 13.76 -10.08
C SER B 96 2.62 12.64 -9.08
N SER B 97 2.86 11.44 -9.59
CA SER B 97 3.02 10.26 -8.75
C SER B 97 4.46 9.99 -8.35
N TRP B 98 5.40 10.87 -8.73
CA TRP B 98 6.81 10.70 -8.37
C TRP B 98 7.08 11.56 -7.14
N VAL B 99 6.73 11.02 -5.98
CA VAL B 99 6.75 11.75 -4.72
C VAL B 99 7.65 11.03 -3.73
N MET B 100 8.62 11.76 -3.17
CA MET B 100 9.39 11.31 -2.01
C MET B 100 9.50 12.45 -1.00
N THR B 101 8.44 12.67 -0.22
CA THR B 101 8.43 13.68 0.85
C THR B 101 7.06 13.64 1.51
N CYS B 102 7.01 14.08 2.77
CA CYS B 102 5.76 14.31 3.49
C CYS B 102 6.02 15.32 4.60
N ALA B 103 5.05 16.20 4.83
CA ALA B 103 5.11 17.08 5.97
C ALA B 103 3.72 17.31 6.52
N TYR B 104 3.61 17.29 7.85
CA TYR B 104 2.37 17.57 8.57
C TYR B 104 2.53 18.87 9.33
N ALA B 105 1.59 19.79 9.16
CA ALA B 105 1.70 21.08 9.84
C ALA B 105 1.60 20.87 11.35
N PRO B 106 2.34 21.64 12.14
CA PRO B 106 2.22 21.51 13.61
C PRO B 106 0.82 21.76 14.12
N SER B 107 0.07 22.67 13.49
CA SER B 107 -1.30 22.92 13.89
C SER B 107 -2.23 21.80 13.43
N GLY B 108 -1.89 21.14 12.32
CA GLY B 108 -2.69 20.05 11.80
C GLY B 108 -3.63 20.42 10.68
N ASN B 109 -3.58 21.66 10.19
CA ASN B 109 -4.49 22.08 9.14
C ASN B 109 -3.98 21.76 7.74
N TYR B 110 -2.67 21.61 7.57
CA TYR B 110 -2.08 21.50 6.25
C TYR B 110 -1.14 20.29 6.17
N VAL B 111 -0.98 19.79 4.94
CA VAL B 111 0.05 18.82 4.63
C VAL B 111 0.84 19.31 3.42
N ALA B 112 2.06 18.81 3.30
CA ALA B 112 2.96 19.23 2.24
C ALA B 112 3.57 18.02 1.55
N CYS B 113 3.70 18.12 0.23
CA CYS B 113 4.13 17.03 -0.62
C CYS B 113 5.14 17.56 -1.62
N GLY B 114 6.01 16.67 -2.10
CA GLY B 114 7.00 17.06 -3.08
C GLY B 114 7.70 15.85 -3.67
N GLY B 115 8.33 16.07 -4.81
CA GLY B 115 9.01 14.97 -5.49
C GLY B 115 9.82 15.35 -6.71
N LEU B 116 9.78 14.50 -7.74
CA LEU B 116 10.59 14.68 -8.93
C LEU B 116 10.09 15.80 -9.84
N ASP B 117 8.92 16.38 -9.55
CA ASP B 117 8.37 17.45 -10.37
C ASP B 117 8.87 18.83 -9.96
N ASN B 118 9.75 18.92 -8.96
CA ASN B 118 10.39 20.16 -8.52
C ASN B 118 9.40 21.15 -7.92
N ILE B 119 8.26 20.67 -7.43
CA ILE B 119 7.19 21.54 -6.95
C ILE B 119 6.75 21.06 -5.57
N CYS B 120 6.57 22.00 -4.65
CA CYS B 120 6.08 21.71 -3.30
C CYS B 120 4.59 22.04 -3.25
N SER B 121 3.76 21.02 -3.09
CA SER B 121 2.31 21.19 -3.06
C SER B 121 1.84 21.24 -1.63
N ILE B 122 1.03 22.25 -1.31
CA ILE B 122 0.48 22.44 0.03
C ILE B 122 -1.02 22.20 -0.03
N TYR B 123 -1.50 21.20 0.72
CA TYR B 123 -2.89 20.80 0.74
C TYR B 123 -3.54 21.24 2.05
N ASN B 124 -4.74 21.80 1.94
CA ASN B 124 -5.51 22.28 3.08
C ASN B 124 -6.52 21.23 3.49
N LEU B 125 -6.46 20.82 4.77
CA LEU B 125 -7.29 19.72 5.26
C LEU B 125 -8.66 20.16 5.75
N LYS B 126 -8.77 21.35 6.35
CA LYS B 126 -10.01 21.81 6.97
C LYS B 126 -10.68 22.80 6.04
N THR B 127 -11.47 22.28 5.11
CA THR B 127 -12.27 23.09 4.19
C THR B 127 -13.74 23.03 4.59
N ARG B 128 -14.50 24.01 4.11
CA ARG B 128 -15.93 24.09 4.39
C ARG B 128 -16.77 23.29 3.40
N GLU B 129 -16.14 22.34 2.69
CA GLU B 129 -16.87 21.52 1.71
C GLU B 129 -16.55 20.04 1.84
N GLY B 130 -15.79 19.63 2.85
CA GLY B 130 -15.46 18.23 3.02
C GLY B 130 -14.41 17.71 2.06
N ASN B 131 -13.75 18.58 1.31
CA ASN B 131 -12.72 18.19 0.35
C ASN B 131 -11.33 18.46 0.91
N VAL B 132 -10.33 18.03 0.16
CA VAL B 132 -8.92 18.34 0.45
C VAL B 132 -8.37 18.97 -0.82
N ARG B 133 -8.23 20.29 -0.82
CA ARG B 133 -7.82 21.05 -1.99
C ARG B 133 -6.32 21.31 -1.97
N VAL B 134 -5.79 21.74 -3.12
CA VAL B 134 -4.41 22.14 -3.25
C VAL B 134 -4.35 23.63 -2.92
N SER B 135 -3.95 23.95 -1.68
CA SER B 135 -3.89 25.35 -1.27
C SER B 135 -2.81 26.10 -2.03
N ARG B 136 -1.66 25.49 -2.24
CA ARG B 136 -0.55 26.19 -2.89
C ARG B 136 0.28 25.22 -3.71
N GLU B 137 1.02 25.79 -4.67
CA GLU B 137 1.98 25.04 -5.48
C GLU B 137 3.23 25.92 -5.61
N LEU B 138 4.18 25.72 -4.71
CA LEU B 138 5.40 26.51 -4.68
C LEU B 138 6.40 25.94 -5.69
N ALA B 139 6.92 26.80 -6.56
CA ALA B 139 7.85 26.42 -7.60
C ALA B 139 9.04 27.37 -7.61
N GLY B 140 10.15 26.90 -8.15
CA GLY B 140 11.36 27.70 -8.20
C GLY B 140 12.64 26.89 -8.04
N HIS B 141 12.53 25.68 -7.51
CA HIS B 141 13.67 24.79 -7.46
C HIS B 141 13.95 24.22 -8.84
N THR B 142 15.23 23.94 -9.11
CA THR B 142 15.66 23.36 -10.37
C THR B 142 16.12 21.91 -10.20
N GLY B 143 15.66 21.25 -9.14
CA GLY B 143 15.99 19.84 -8.91
C GLY B 143 14.95 19.23 -8.00
N TYR B 144 14.95 17.90 -7.95
CA TYR B 144 13.94 17.19 -7.18
C TYR B 144 13.94 17.63 -5.71
N LEU B 145 12.81 17.49 -5.05
CA LEU B 145 12.62 17.94 -3.68
C LEU B 145 12.60 16.74 -2.75
N SER B 146 13.24 16.87 -1.58
CA SER B 146 13.45 15.72 -0.72
C SER B 146 13.08 15.92 0.74
N CYS B 147 12.75 17.13 1.18
CA CYS B 147 12.33 17.33 2.56
C CYS B 147 11.72 18.70 2.72
N CYS B 148 10.67 18.80 3.55
CA CYS B 148 9.91 20.04 3.70
C CYS B 148 10.02 20.65 5.09
N ARG B 149 9.59 19.95 6.14
CA ARG B 149 9.71 20.44 7.52
C ARG B 149 9.01 21.80 7.70
N PHE B 150 7.68 21.76 7.63
CA PHE B 150 6.83 22.91 7.99
C PHE B 150 7.37 23.65 9.21
N LEU B 151 7.30 24.98 9.18
CA LEU B 151 7.69 25.79 10.33
C LEU B 151 6.46 26.32 11.07
N ASP B 152 5.63 27.09 10.38
CA ASP B 152 4.34 27.56 10.89
C ASP B 152 3.26 27.17 9.88
N ASP B 153 2.05 27.70 10.04
CA ASP B 153 1.04 27.55 9.01
C ASP B 153 1.33 28.38 7.77
N ASN B 154 2.33 29.27 7.82
CA ASN B 154 2.61 30.18 6.72
C ASN B 154 4.09 30.20 6.33
N GLN B 155 4.90 29.29 6.85
CA GLN B 155 6.32 29.23 6.52
C GLN B 155 6.76 27.80 6.32
N ILE B 156 7.48 27.54 5.24
CA ILE B 156 7.95 26.18 4.98
C ILE B 156 9.39 26.21 4.48
N VAL B 157 10.20 25.29 4.97
CA VAL B 157 11.54 25.10 4.45
C VAL B 157 11.48 24.05 3.36
N THR B 158 12.50 24.01 2.51
CA THR B 158 12.58 22.99 1.47
C THR B 158 14.05 22.67 1.22
N SER B 159 14.34 21.39 1.03
CA SER B 159 15.66 20.94 0.60
C SER B 159 15.51 20.24 -0.74
N SER B 160 16.34 20.62 -1.71
CA SER B 160 16.21 20.13 -3.06
C SER B 160 17.56 19.62 -3.57
N GLY B 161 17.51 18.96 -4.73
CA GLY B 161 18.68 18.35 -5.32
C GLY B 161 19.55 19.26 -6.16
N ASP B 162 19.24 20.55 -6.23
CA ASP B 162 20.10 21.51 -6.91
C ASP B 162 21.10 22.17 -5.97
N THR B 163 21.47 21.47 -4.89
CA THR B 163 22.49 21.93 -3.93
C THR B 163 22.08 23.21 -3.21
N THR B 164 20.78 23.46 -3.04
CA THR B 164 20.30 24.64 -2.37
C THR B 164 19.15 24.28 -1.44
N CYS B 165 18.96 25.10 -0.41
CA CYS B 165 17.80 25.03 0.46
C CYS B 165 17.03 26.34 0.37
N ALA B 166 15.75 26.31 0.71
CA ALA B 166 14.91 27.49 0.55
C ALA B 166 13.98 27.63 1.74
N LEU B 167 13.60 28.88 2.01
CA LEU B 167 12.57 29.21 2.99
C LEU B 167 11.50 30.03 2.29
N TRP B 168 10.28 29.49 2.26
CA TRP B 168 9.15 30.03 1.52
C TRP B 168 8.09 30.59 2.45
N ASP B 169 7.54 31.73 2.07
CA ASP B 169 6.32 32.28 2.65
C ASP B 169 5.14 31.74 1.84
N ILE B 170 4.28 30.95 2.48
CA ILE B 170 3.25 30.22 1.74
C ILE B 170 2.21 31.18 1.16
N GLU B 171 1.83 32.19 1.93
CA GLU B 171 0.75 33.09 1.49
C GLU B 171 1.11 33.80 0.19
N THR B 172 2.30 34.40 0.13
CA THR B 172 2.73 35.06 -1.10
C THR B 172 3.08 34.05 -2.18
N GLY B 173 3.67 32.92 -1.80
CA GLY B 173 4.02 31.89 -2.75
C GLY B 173 5.39 32.04 -3.39
N GLN B 174 6.30 32.79 -2.78
CA GLN B 174 7.62 33.02 -3.33
C GLN B 174 8.69 32.78 -2.27
N GLN B 175 9.91 32.52 -2.75
CA GLN B 175 11.02 32.27 -1.84
C GLN B 175 11.33 33.51 -1.00
N THR B 176 11.39 33.33 0.31
CA THR B 176 11.82 34.40 1.20
C THR B 176 13.33 34.39 1.40
N THR B 177 13.93 33.21 1.56
CA THR B 177 15.37 33.13 1.76
C THR B 177 15.92 31.92 1.02
N THR B 178 17.17 32.00 0.61
CA THR B 178 17.86 30.91 -0.07
C THR B 178 19.19 30.64 0.62
N PHE B 179 19.44 29.37 0.91
CA PHE B 179 20.68 28.92 1.56
C PHE B 179 21.50 28.14 0.53
N THR B 180 22.72 28.60 0.30
CA THR B 180 23.62 27.99 -0.66
C THR B 180 24.97 27.70 -0.01
N GLY B 181 25.70 26.76 -0.60
CA GLY B 181 27.01 26.42 -0.09
C GLY B 181 27.37 24.94 -0.22
N HIS B 182 26.36 24.09 -0.34
CA HIS B 182 26.62 22.68 -0.56
C HIS B 182 27.13 22.45 -1.98
N THR B 183 28.02 21.48 -2.12
CA THR B 183 28.60 21.14 -3.42
C THR B 183 28.01 19.85 -4.00
N GLY B 184 26.89 19.39 -3.46
CA GLY B 184 26.24 18.20 -3.96
C GLY B 184 24.77 18.23 -3.60
N ASP B 185 24.05 17.21 -4.06
CA ASP B 185 22.62 17.11 -3.80
C ASP B 185 22.35 17.13 -2.30
N VAL B 186 21.18 17.61 -1.91
CA VAL B 186 20.81 17.70 -0.50
C VAL B 186 19.59 16.84 -0.27
N MET B 187 19.73 15.80 0.55
CA MET B 187 18.59 14.95 0.93
C MET B 187 18.59 14.81 2.44
N SER B 188 18.09 15.83 3.12
CA SER B 188 17.91 15.84 4.57
C SER B 188 17.36 17.20 4.97
N LEU B 189 16.85 17.27 6.18
CA LEU B 189 16.42 18.51 6.82
C LEU B 189 16.08 18.19 8.26
N SER B 190 16.48 19.05 9.19
CA SER B 190 15.93 18.91 10.54
C SER B 190 16.04 20.24 11.26
N LEU B 191 14.92 20.72 11.78
CA LEU B 191 14.83 21.98 12.49
C LEU B 191 15.13 21.79 13.97
N ALA B 192 15.65 22.84 14.61
CA ALA B 192 15.83 22.81 16.03
C ALA B 192 14.47 22.80 16.72
N PRO B 193 14.39 22.28 17.95
CA PRO B 193 13.11 22.31 18.67
C PRO B 193 12.54 23.70 18.82
N ASP B 194 13.38 24.72 18.99
CA ASP B 194 12.93 26.10 19.07
C ASP B 194 12.77 26.76 17.70
N THR B 195 13.11 26.05 16.62
CA THR B 195 12.85 26.49 15.25
C THR B 195 13.49 27.84 14.94
N ARG B 196 14.74 28.02 15.37
CA ARG B 196 15.53 29.17 14.95
C ARG B 196 16.72 28.79 14.07
N LEU B 197 17.19 27.54 14.15
CA LEU B 197 18.25 27.02 13.32
C LEU B 197 17.83 25.68 12.75
N PHE B 198 18.56 25.21 11.75
CA PHE B 198 18.33 23.87 11.24
C PHE B 198 19.61 23.32 10.65
N VAL B 199 19.62 22.01 10.41
CA VAL B 199 20.78 21.34 9.82
C VAL B 199 20.34 20.63 8.56
N SER B 200 21.24 20.62 7.58
CA SER B 200 21.08 19.86 6.34
C SER B 200 22.31 18.99 6.11
N GLY B 201 22.07 17.81 5.55
CA GLY B 201 23.17 16.93 5.19
C GLY B 201 23.08 16.56 3.72
N ALA B 202 24.17 16.77 2.99
CA ALA B 202 24.15 16.68 1.53
C ALA B 202 24.99 15.50 1.06
N CYS B 203 25.14 15.41 -0.26
CA CYS B 203 25.82 14.29 -0.90
C CYS B 203 27.32 14.49 -1.03
N ASP B 204 27.87 15.60 -0.53
CA ASP B 204 29.31 15.79 -0.48
C ASP B 204 29.91 15.32 0.83
N ALA B 205 29.18 14.50 1.59
CA ALA B 205 29.65 13.94 2.87
C ALA B 205 29.94 15.05 3.88
N SER B 206 29.07 16.06 3.93
CA SER B 206 29.21 17.14 4.89
C SER B 206 27.84 17.63 5.30
N ALA B 207 27.75 18.16 6.51
CA ALA B 207 26.51 18.72 7.03
C ALA B 207 26.74 20.18 7.40
N LYS B 208 25.69 20.98 7.31
CA LYS B 208 25.79 22.41 7.58
C LYS B 208 24.66 22.85 8.51
N LEU B 209 25.00 23.80 9.38
CA LEU B 209 24.06 24.40 10.34
C LEU B 209 23.68 25.78 9.84
N TRP B 210 22.44 25.94 9.38
CA TRP B 210 21.93 27.18 8.86
C TRP B 210 21.10 27.92 9.91
N ASP B 211 21.18 29.24 9.88
CA ASP B 211 20.35 30.11 10.70
C ASP B 211 19.19 30.62 9.85
N VAL B 212 17.97 30.37 10.31
CA VAL B 212 16.79 30.66 9.50
C VAL B 212 16.64 32.16 9.28
N ARG B 213 16.81 32.95 10.34
CA ARG B 213 16.47 34.37 10.27
C ARG B 213 17.51 35.22 9.58
N GLU B 214 18.67 34.68 9.24
CA GLU B 214 19.72 35.45 8.58
C GLU B 214 20.22 34.84 7.27
N GLY B 215 19.94 33.58 6.99
CA GLY B 215 20.31 32.99 5.72
C GLY B 215 21.80 32.87 5.49
N MET B 216 22.54 32.41 6.49
CA MET B 216 23.98 32.23 6.36
C MET B 216 24.42 31.02 7.17
N CYS B 217 25.41 30.30 6.66
CA CYS B 217 25.89 29.10 7.33
C CYS B 217 26.75 29.48 8.53
N ARG B 218 26.61 28.71 9.61
CA ARG B 218 27.37 28.93 10.83
C ARG B 218 28.49 27.93 11.03
N GLN B 219 28.21 26.64 10.91
CA GLN B 219 29.21 25.61 11.10
C GLN B 219 29.03 24.51 10.06
N THR B 220 30.15 23.86 9.72
CA THR B 220 30.19 22.75 8.77
C THR B 220 30.86 21.56 9.45
N PHE B 221 30.22 20.40 9.36
CA PHE B 221 30.69 19.19 10.02
C PHE B 221 30.99 18.12 8.97
N THR B 222 32.19 17.54 9.07
CA THR B 222 32.66 16.51 8.15
C THR B 222 33.04 15.27 8.94
N GLY B 223 33.37 14.21 8.20
CA GLY B 223 33.77 12.96 8.82
C GLY B 223 33.26 11.72 8.11
N HIS B 224 32.15 11.85 7.40
CA HIS B 224 31.60 10.73 6.66
C HIS B 224 32.42 10.46 5.40
N GLU B 225 32.22 9.28 4.82
CA GLU B 225 32.94 8.88 3.61
C GLU B 225 31.99 8.60 2.45
N SER B 226 30.76 9.06 2.52
CA SER B 226 29.78 8.85 1.45
C SER B 226 28.62 9.81 1.67
N ASP B 227 27.61 9.67 0.82
CA ASP B 227 26.46 10.55 0.86
C ASP B 227 25.69 10.38 2.17
N ILE B 228 25.07 11.46 2.63
CA ILE B 228 24.28 11.48 3.86
C ILE B 228 22.80 11.49 3.48
N ASN B 229 22.03 10.56 4.05
CA ASN B 229 20.62 10.43 3.71
C ASN B 229 19.68 10.77 4.85
N ALA B 230 20.17 10.88 6.08
CA ALA B 230 19.30 11.13 7.23
C ALA B 230 19.98 12.10 8.19
N ILE B 231 19.15 12.77 8.99
CA ILE B 231 19.64 13.74 9.97
C ILE B 231 18.53 13.98 10.98
N CYS B 232 18.93 14.27 12.23
CA CYS B 232 17.98 14.53 13.30
C CYS B 232 18.69 15.27 14.42
N PHE B 233 17.92 16.09 15.16
CA PHE B 233 18.44 16.79 16.32
C PHE B 233 18.30 15.97 17.58
N PHE B 234 19.26 16.12 18.49
CA PHE B 234 19.11 15.65 19.85
C PHE B 234 17.98 16.44 20.51
N PRO B 235 17.25 15.83 21.44
CA PRO B 235 16.07 16.50 22.00
C PRO B 235 16.34 17.87 22.62
N ASN B 236 17.52 18.10 23.20
CA ASN B 236 17.80 19.40 23.79
C ASN B 236 18.34 20.40 22.76
N GLY B 237 18.51 19.97 21.51
CA GLY B 237 18.91 20.89 20.45
C GLY B 237 20.35 21.33 20.48
N ASN B 238 21.24 20.56 21.11
CA ASN B 238 22.65 20.91 21.17
C ASN B 238 23.55 19.87 20.53
N ALA B 239 22.99 18.94 19.76
CA ALA B 239 23.75 17.92 19.06
C ALA B 239 22.85 17.30 18.01
N PHE B 240 23.45 16.58 17.06
CA PHE B 240 22.63 15.92 16.05
C PHE B 240 23.33 14.64 15.61
N ALA B 241 22.58 13.83 14.85
CA ALA B 241 23.06 12.54 14.37
C ALA B 241 22.78 12.41 12.89
N THR B 242 23.73 11.81 12.16
CA THR B 242 23.64 11.66 10.72
C THR B 242 23.81 10.20 10.34
N GLY B 243 23.15 9.82 9.25
CA GLY B 243 23.28 8.48 8.70
C GLY B 243 23.66 8.55 7.24
N SER B 244 24.60 7.72 6.81
CA SER B 244 25.07 7.81 5.44
C SER B 244 25.01 6.51 4.65
N ASP B 245 25.87 6.39 3.64
CA ASP B 245 25.89 5.22 2.79
C ASP B 245 27.02 4.25 3.12
N ASP B 246 27.87 4.56 4.10
CA ASP B 246 28.97 3.68 4.47
C ASP B 246 28.63 2.80 5.67
N ALA B 247 27.35 2.60 5.97
CA ALA B 247 26.90 1.76 7.08
C ALA B 247 27.41 2.30 8.42
N THR B 248 27.18 3.59 8.66
CA THR B 248 27.70 4.24 9.85
C THR B 248 26.83 5.42 10.21
N CYS B 249 26.39 5.48 11.47
CA CYS B 249 25.77 6.67 12.02
C CYS B 249 26.82 7.45 12.82
N ARG B 250 26.64 8.76 12.90
CA ARG B 250 27.61 9.59 13.60
C ARG B 250 26.91 10.69 14.38
N LEU B 251 27.28 10.84 15.64
CA LEU B 251 26.73 11.87 16.51
C LEU B 251 27.75 13.01 16.62
N PHE B 252 27.34 14.20 16.16
CA PHE B 252 28.10 15.43 16.18
C PHE B 252 27.54 16.37 17.23
N ASP B 253 28.42 17.23 17.75
CA ASP B 253 28.07 18.17 18.81
C ASP B 253 28.21 19.60 18.30
N LEU B 254 27.20 20.44 18.58
CA LEU B 254 27.22 21.83 18.11
C LEU B 254 28.25 22.67 18.87
N ARG B 255 28.26 22.56 20.20
CA ARG B 255 29.05 23.50 21.00
C ARG B 255 30.54 23.21 20.91
N ALA B 256 30.93 21.93 20.98
CA ALA B 256 32.33 21.58 20.78
C ALA B 256 32.72 21.65 19.31
N ASP B 257 31.74 21.57 18.41
CA ASP B 257 31.95 21.72 16.97
C ASP B 257 32.94 20.67 16.46
N GLN B 258 32.56 19.40 16.67
CA GLN B 258 33.31 18.26 16.15
C GLN B 258 32.52 16.99 16.45
N GLU B 259 32.99 15.88 15.88
CA GLU B 259 32.31 14.59 16.04
C GLU B 259 32.41 14.09 17.48
N LEU B 260 31.34 13.46 17.95
CA LEU B 260 31.30 12.88 19.29
C LEU B 260 31.38 11.37 19.29
N MET B 261 30.54 10.70 18.49
CA MET B 261 30.48 9.24 18.58
C MET B 261 30.19 8.63 17.22
N THR B 262 30.62 7.38 17.04
CA THR B 262 30.43 6.62 15.81
C THR B 262 29.68 5.34 16.14
N TYR B 263 28.61 5.05 15.38
CA TYR B 263 27.77 3.88 15.58
C TYR B 263 27.88 3.01 14.32
N SER B 264 28.63 1.92 14.42
CA SER B 264 28.82 1.02 13.29
C SER B 264 29.12 -0.38 13.82
N HIS B 265 28.92 -1.37 12.95
CA HIS B 265 29.19 -2.77 13.29
C HIS B 265 29.86 -3.44 12.10
N ASP B 266 30.55 -4.55 12.38
CA ASP B 266 31.37 -5.20 11.36
C ASP B 266 30.51 -5.86 10.30
N ASN B 267 29.41 -6.50 10.69
CA ASN B 267 28.57 -7.24 9.76
C ASN B 267 27.40 -6.42 9.23
N ILE B 268 27.54 -5.09 9.20
CA ILE B 268 26.59 -4.19 8.56
C ILE B 268 27.32 -3.47 7.44
N ILE B 269 26.83 -3.63 6.22
CA ILE B 269 27.54 -3.10 5.05
C ILE B 269 26.59 -2.30 4.16
N CYS B 270 25.30 -2.38 4.44
CA CYS B 270 24.31 -1.68 3.63
C CYS B 270 24.30 -0.20 3.99
N GLY B 271 23.38 0.54 3.37
CA GLY B 271 23.21 1.96 3.66
C GLY B 271 22.22 2.18 4.78
N ILE B 272 22.04 3.46 5.13
CA ILE B 272 21.10 3.90 6.15
C ILE B 272 20.14 4.89 5.53
N THR B 273 18.85 4.67 5.71
CA THR B 273 17.83 5.50 5.08
C THR B 273 17.14 6.46 6.03
N SER B 274 17.15 6.19 7.34
CA SER B 274 16.44 7.03 8.28
C SER B 274 17.16 7.04 9.63
N VAL B 275 16.93 8.09 10.39
CA VAL B 275 17.50 8.26 11.72
C VAL B 275 16.47 8.98 12.59
N SER B 276 16.30 8.49 13.82
CA SER B 276 15.41 9.14 14.77
C SER B 276 15.92 8.91 16.17
N PHE B 277 15.51 9.78 17.09
CA PHE B 277 15.96 9.76 18.47
C PHE B 277 14.78 9.46 19.40
N SER B 278 15.06 8.76 20.49
CA SER B 278 14.03 8.49 21.49
C SER B 278 13.68 9.77 22.24
N LYS B 279 12.63 9.70 23.05
CA LYS B 279 12.13 10.90 23.73
C LYS B 279 13.17 11.47 24.68
N SER B 280 13.84 10.61 25.45
CA SER B 280 14.88 11.07 26.36
C SER B 280 16.23 11.26 25.68
N GLY B 281 16.38 10.80 24.45
CA GLY B 281 17.64 10.94 23.74
C GLY B 281 18.64 9.83 24.01
N ARG B 282 18.23 8.72 24.60
CA ARG B 282 19.15 7.65 24.94
C ARG B 282 19.25 6.57 23.87
N LEU B 283 18.20 6.41 23.05
CA LEU B 283 18.17 5.39 22.01
C LEU B 283 18.19 6.06 20.65
N LEU B 284 19.01 5.53 19.75
CA LEU B 284 19.11 6.01 18.38
C LEU B 284 18.60 4.91 17.46
N LEU B 285 17.53 5.19 16.71
CA LEU B 285 16.92 4.21 15.83
C LEU B 285 17.29 4.52 14.39
N ALA B 286 17.81 3.52 13.68
CA ALA B 286 18.27 3.72 12.31
C ALA B 286 17.78 2.58 11.43
N GLY B 287 17.13 2.92 10.32
CA GLY B 287 16.64 1.93 9.38
C GLY B 287 17.64 1.71 8.26
N TYR B 288 17.84 0.44 7.91
CA TYR B 288 18.86 0.04 6.96
C TYR B 288 18.23 -0.55 5.70
N ASP B 289 19.09 -0.93 4.76
CA ASP B 289 18.66 -1.62 3.55
C ASP B 289 18.59 -3.14 3.73
N ASP B 290 18.96 -3.65 4.90
CA ASP B 290 18.78 -5.05 5.23
C ASP B 290 17.33 -5.40 5.51
N PHE B 291 16.40 -4.48 5.24
CA PHE B 291 14.96 -4.64 5.44
C PHE B 291 14.57 -4.54 6.91
N ASN B 292 15.42 -3.95 7.75
CA ASN B 292 15.15 -3.91 9.18
C ASN B 292 15.75 -2.64 9.78
N CYS B 293 15.53 -2.47 11.09
CA CYS B 293 15.97 -1.30 11.82
C CYS B 293 16.76 -1.73 13.06
N ASN B 294 17.70 -0.90 13.47
CA ASN B 294 18.55 -1.18 14.61
C ASN B 294 18.42 -0.07 15.65
N VAL B 295 18.56 -0.45 16.92
CA VAL B 295 18.52 0.47 18.04
C VAL B 295 19.89 0.48 18.69
N TRP B 296 20.45 1.69 18.85
CA TRP B 296 21.78 1.88 19.41
C TRP B 296 21.68 2.64 20.72
N ASP B 297 22.42 2.18 21.72
CA ASP B 297 22.56 2.95 22.96
C ASP B 297 23.41 4.18 22.66
N ALA B 298 22.77 5.36 22.66
CA ALA B 298 23.41 6.55 22.12
C ALA B 298 24.68 6.93 22.88
N LEU B 299 24.75 6.62 24.16
CA LEU B 299 25.89 7.02 24.98
C LEU B 299 26.98 5.96 25.07
N LYS B 300 26.77 4.77 24.49
CA LYS B 300 27.80 3.73 24.54
C LYS B 300 28.03 3.04 23.21
N ALA B 301 27.21 3.25 22.18
CA ALA B 301 27.32 2.73 20.83
C ALA B 301 27.03 1.23 20.74
N ASP B 302 26.67 0.58 21.84
CA ASP B 302 26.32 -0.84 21.80
C ASP B 302 24.92 -1.01 21.22
N ARG B 303 24.78 -1.95 20.30
CA ARG B 303 23.47 -2.25 19.74
C ARG B 303 22.58 -2.89 20.79
N ALA B 304 21.36 -2.38 20.92
CA ALA B 304 20.45 -2.81 21.97
C ALA B 304 19.20 -3.51 21.45
N GLY B 305 19.05 -3.67 20.14
CA GLY B 305 17.87 -4.34 19.62
C GLY B 305 17.68 -4.22 18.12
N VAL B 306 16.88 -5.12 17.56
CA VAL B 306 16.64 -5.17 16.12
C VAL B 306 15.14 -5.30 15.89
N LEU B 307 14.61 -4.51 14.96
CA LEU B 307 13.22 -4.59 14.54
C LEU B 307 13.22 -5.10 13.10
N ALA B 308 12.78 -6.35 12.92
CA ALA B 308 12.79 -7.02 11.61
C ALA B 308 11.38 -7.55 11.34
N GLY B 309 10.62 -6.82 10.52
CA GLY B 309 9.29 -7.26 10.14
C GLY B 309 8.91 -6.89 8.72
N HIS B 310 9.87 -6.38 7.96
CA HIS B 310 9.61 -5.88 6.61
C HIS B 310 10.29 -6.77 5.58
N ASP B 311 9.64 -6.91 4.43
CA ASP B 311 10.16 -7.74 3.34
C ASP B 311 10.99 -6.96 2.33
N ASN B 312 11.18 -5.66 2.54
CA ASN B 312 11.98 -4.84 1.64
C ASN B 312 12.59 -3.70 2.42
N ARG B 313 13.32 -2.82 1.72
CA ARG B 313 14.06 -1.74 2.36
C ARG B 313 13.18 -0.87 3.24
N VAL B 314 13.72 -0.40 4.37
CA VAL B 314 13.01 0.48 5.28
C VAL B 314 13.36 1.90 4.88
N SER B 315 12.36 2.66 4.44
CA SER B 315 12.59 3.97 3.87
C SER B 315 12.20 5.13 4.76
N CYS B 316 11.24 4.96 5.68
CA CYS B 316 10.85 6.05 6.55
C CYS B 316 10.70 5.54 7.97
N LEU B 317 11.03 6.40 8.94
CA LEU B 317 11.02 6.00 10.35
C LEU B 317 10.78 7.23 11.20
N GLY B 318 9.87 7.11 12.18
CA GLY B 318 9.53 8.24 13.02
C GLY B 318 9.09 7.82 14.40
N VAL B 319 9.17 8.77 15.33
CA VAL B 319 8.83 8.56 16.73
C VAL B 319 7.84 9.63 17.17
N THR B 320 6.81 9.23 17.89
CA THR B 320 5.78 10.17 18.33
C THR B 320 6.37 11.23 19.27
N ASP B 321 5.60 12.31 19.46
CA ASP B 321 6.07 13.42 20.28
C ASP B 321 6.24 13.01 21.73
N ASP B 322 5.31 12.21 22.26
CA ASP B 322 5.42 11.70 23.63
C ASP B 322 6.16 10.37 23.71
N GLY B 323 6.68 9.87 22.59
CA GLY B 323 7.55 8.72 22.62
C GLY B 323 6.87 7.41 22.95
N MET B 324 5.56 7.29 22.72
CA MET B 324 4.88 6.04 23.00
C MET B 324 5.30 4.94 22.02
N ALA B 325 5.29 5.24 20.73
CA ALA B 325 5.49 4.22 19.71
C ALA B 325 6.41 4.75 18.62
N VAL B 326 6.93 3.82 17.81
CA VAL B 326 7.78 4.13 16.67
C VAL B 326 7.17 3.52 15.43
N ALA B 327 7.03 4.32 14.38
CA ALA B 327 6.42 3.89 13.13
C ALA B 327 7.50 3.74 12.07
N THR B 328 7.50 2.59 11.38
CA THR B 328 8.45 2.32 10.31
C THR B 328 7.68 1.98 9.04
N GLY B 329 8.09 2.56 7.93
CA GLY B 329 7.48 2.30 6.64
C GLY B 329 8.52 1.88 5.62
N SER B 330 8.19 0.86 4.85
CA SER B 330 9.12 0.17 3.97
C SER B 330 8.59 0.16 2.54
N TRP B 331 9.40 -0.41 1.64
CA TRP B 331 9.03 -0.44 0.23
C TRP B 331 8.06 -1.56 -0.13
N ASP B 332 7.60 -2.36 0.82
CA ASP B 332 6.56 -3.34 0.53
C ASP B 332 5.16 -2.79 0.73
N SER B 333 5.03 -1.47 0.90
CA SER B 333 3.74 -0.79 1.03
C SER B 333 3.05 -1.10 2.35
N PHE B 334 3.82 -1.29 3.41
CA PHE B 334 3.27 -1.60 4.73
C PHE B 334 3.94 -0.70 5.77
N LEU B 335 3.12 -0.10 6.63
CA LEU B 335 3.61 0.63 7.80
C LEU B 335 3.36 -0.20 9.05
N LYS B 336 4.32 -0.20 9.97
CA LYS B 336 4.19 -0.95 11.20
C LYS B 336 4.51 -0.06 12.39
N ILE B 337 3.77 -0.25 13.48
CA ILE B 337 3.91 0.55 14.69
C ILE B 337 4.39 -0.37 15.81
N TRP B 338 5.56 -0.07 16.36
CA TRP B 338 6.19 -0.88 17.40
C TRP B 338 6.19 -0.13 18.72
N ASN B 339 5.92 -0.85 19.80
CA ASN B 339 5.81 -0.27 21.12
C ASN B 339 6.72 -0.96 22.13
N ALA C 1 34.67 34.25 -13.39
CA ALA C 1 34.39 34.63 -12.01
C ALA C 1 35.08 33.68 -11.04
N SER C 2 36.14 33.00 -11.51
CA SER C 2 36.86 32.07 -10.66
C SER C 2 37.52 32.79 -9.49
N ILE C 3 38.08 33.97 -9.74
CA ILE C 3 38.64 34.78 -8.66
C ILE C 3 37.54 35.19 -7.68
N ALA C 4 36.38 35.61 -8.21
CA ALA C 4 35.26 35.97 -7.36
C ALA C 4 34.59 34.76 -6.74
N GLN C 5 34.82 33.57 -7.29
CA GLN C 5 34.24 32.36 -6.70
C GLN C 5 35.08 31.85 -5.54
N ALA C 6 36.40 31.73 -5.74
CA ALA C 6 37.27 31.30 -4.65
C ALA C 6 37.65 32.48 -3.78
N ARG C 7 36.65 33.28 -3.40
CA ARG C 7 36.83 34.36 -2.44
C ARG C 7 35.75 34.38 -1.37
N LYS C 8 34.53 33.92 -1.69
CA LYS C 8 33.53 33.73 -0.66
C LYS C 8 33.91 32.60 0.29
N LEU C 9 34.71 31.64 -0.19
CA LEU C 9 35.20 30.57 0.66
C LEU C 9 36.07 31.13 1.78
N VAL C 10 36.92 32.11 1.46
CA VAL C 10 37.78 32.70 2.47
C VAL C 10 36.94 33.40 3.54
N GLU C 11 35.93 34.15 3.13
CA GLU C 11 35.08 34.84 4.10
C GLU C 11 34.29 33.85 4.94
N GLN C 12 33.79 32.77 4.34
CA GLN C 12 33.07 31.75 5.08
C GLN C 12 33.98 31.08 6.10
N LEU C 13 35.23 30.79 5.72
CA LEU C 13 36.16 30.17 6.66
C LEU C 13 36.52 31.13 7.78
N LYS C 14 36.66 32.43 7.48
CA LYS C 14 36.87 33.40 8.55
C LYS C 14 35.70 33.43 9.52
N MET C 15 34.47 33.37 8.99
CA MET C 15 33.30 33.37 9.85
C MET C 15 33.24 32.11 10.71
N GLU C 16 33.58 30.95 10.13
CA GLU C 16 33.50 29.69 10.84
C GLU C 16 34.68 29.47 11.78
N ALA C 17 35.76 30.24 11.63
CA ALA C 17 36.97 30.04 12.42
C ALA C 17 37.07 30.97 13.61
N ASN C 18 36.00 31.70 13.94
CA ASN C 18 36.02 32.69 15.01
C ASN C 18 34.84 32.50 15.94
N ILE C 19 34.61 31.26 16.37
CA ILE C 19 33.55 30.93 17.31
C ILE C 19 34.17 30.27 18.53
N ASP C 20 33.47 30.39 19.65
CA ASP C 20 33.94 29.80 20.91
C ASP C 20 33.59 28.31 20.95
N ARG C 21 34.53 27.52 21.45
CA ARG C 21 34.37 26.08 21.53
C ARG C 21 34.62 25.62 22.96
N ILE C 22 33.71 24.81 23.49
CA ILE C 22 33.88 24.24 24.82
C ILE C 22 34.52 22.87 24.70
N LYS C 23 35.09 22.40 25.81
CA LYS C 23 35.78 21.12 25.81
C LYS C 23 34.80 19.97 25.60
N VAL C 24 35.30 18.89 24.99
CA VAL C 24 34.47 17.72 24.72
C VAL C 24 33.95 17.10 26.00
N SER C 25 34.73 17.17 27.09
CA SER C 25 34.29 16.59 28.35
C SER C 25 33.04 17.28 28.88
N LYS C 26 32.99 18.60 28.81
CA LYS C 26 31.82 19.33 29.29
C LYS C 26 30.58 19.00 28.46
N ALA C 27 30.73 18.92 27.13
CA ALA C 27 29.60 18.57 26.29
C ALA C 27 29.12 17.15 26.57
N ALA C 28 30.05 16.22 26.76
CA ALA C 28 29.67 14.86 27.12
C ALA C 28 28.92 14.82 28.44
N ALA C 29 29.39 15.58 29.43
CA ALA C 29 28.72 15.62 30.72
C ALA C 29 27.31 16.18 30.59
N ASP C 30 27.15 17.24 29.78
CA ASP C 30 25.82 17.83 29.60
C ASP C 30 24.87 16.85 28.90
N LEU C 31 25.37 16.16 27.87
CA LEU C 31 24.54 15.18 27.18
C LEU C 31 24.11 14.06 28.12
N MET C 32 25.06 13.55 28.92
CA MET C 32 24.71 12.48 29.87
C MET C 32 23.72 12.97 30.92
N ALA C 33 23.90 14.19 31.41
CA ALA C 33 22.98 14.73 32.40
C ALA C 33 21.57 14.86 31.85
N TYR C 34 21.45 15.35 30.61
CA TYR C 34 20.12 15.43 30.00
C TYR C 34 19.52 14.04 29.80
N CYS C 35 20.33 13.08 29.34
CA CYS C 35 19.81 11.74 29.12
C CYS C 35 19.39 11.07 30.42
N GLU C 36 20.04 11.42 31.53
CA GLU C 36 19.73 10.81 32.82
C GLU C 36 18.57 11.49 33.54
N ALA C 37 18.40 12.80 33.36
CA ALA C 37 17.33 13.51 34.04
C ALA C 37 15.95 13.25 33.45
N HIS C 38 15.87 12.61 32.27
CA HIS C 38 14.60 12.35 31.62
C HIS C 38 14.38 10.86 31.38
N ALA C 39 15.02 10.00 32.17
CA ALA C 39 14.92 8.56 31.94
C ALA C 39 13.50 8.04 32.17
N LYS C 40 12.85 8.51 33.24
CA LYS C 40 11.53 8.01 33.59
C LYS C 40 10.42 8.47 32.66
N GLU C 41 10.70 9.45 31.81
CA GLU C 41 9.71 9.99 30.88
C GLU C 41 9.79 9.37 29.50
N ASP C 42 10.52 8.27 29.34
CA ASP C 42 10.73 7.65 28.05
C ASP C 42 10.03 6.31 27.98
N PRO C 43 8.84 6.23 27.38
CA PRO C 43 8.14 4.94 27.29
C PRO C 43 8.88 3.88 26.48
N LEU C 44 9.78 4.28 25.58
CA LEU C 44 10.54 3.31 24.80
C LEU C 44 11.70 2.71 25.58
N LEU C 45 12.22 3.42 26.59
CA LEU C 45 13.30 2.91 27.42
C LEU C 45 12.76 2.07 28.58
N THR C 46 11.81 2.63 29.33
CA THR C 46 11.13 1.91 30.40
C THR C 46 9.66 1.76 30.02
N PRO C 47 9.26 0.59 29.52
CA PRO C 47 7.89 0.44 29.02
C PRO C 47 6.85 0.68 30.10
N VAL C 48 5.74 1.29 29.69
CA VAL C 48 4.61 1.58 30.57
C VAL C 48 3.79 0.32 30.77
N PRO C 49 2.97 0.22 31.82
CA PRO C 49 2.12 -0.96 31.98
C PRO C 49 1.14 -1.10 30.83
N ALA C 50 0.72 -2.34 30.58
CA ALA C 50 -0.13 -2.64 29.44
C ALA C 50 -1.47 -1.92 29.50
N SER C 51 -1.88 -1.45 30.67
CA SER C 51 -3.14 -0.73 30.81
C SER C 51 -2.99 0.77 30.63
N GLU C 52 -1.80 1.25 30.30
CA GLU C 52 -1.55 2.68 30.14
C GLU C 52 -1.24 3.10 28.70
N ASN C 53 -0.56 2.25 27.92
CA ASN C 53 -0.29 2.62 26.55
C ASN C 53 -1.56 2.53 25.71
N PRO C 54 -1.68 3.37 24.67
CA PRO C 54 -2.89 3.36 23.84
C PRO C 54 -2.88 2.34 22.72
N PHE C 55 -1.81 1.57 22.56
CA PHE C 55 -1.69 0.55 21.53
C PHE C 55 -1.73 -0.86 22.11
N ARG C 56 -2.60 -1.08 23.10
CA ARG C 56 -2.58 -2.34 23.86
C ARG C 56 -2.73 -3.55 22.94
N GLU C 57 -3.87 -3.67 22.29
CA GLU C 57 -4.15 -4.84 21.45
C GLU C 57 -3.44 -4.72 20.10
N ASN D 23 -19.63 -68.76 -6.81
CA ASN D 23 -19.97 -67.41 -7.25
C ASN D 23 -18.71 -66.56 -7.45
N CYS D 24 -17.56 -67.23 -7.52
CA CYS D 24 -16.27 -66.57 -7.68
C CYS D 24 -16.02 -65.57 -6.54
N THR D 25 -15.92 -66.12 -5.33
CA THR D 25 -15.70 -65.29 -4.15
C THR D 25 -14.39 -64.51 -4.29
N ASP D 26 -14.38 -63.30 -3.74
CA ASP D 26 -13.23 -62.42 -3.82
C ASP D 26 -12.00 -63.09 -3.21
N GLU D 27 -10.84 -62.90 -3.82
CA GLU D 27 -9.61 -63.49 -3.35
C GLU D 27 -8.54 -62.46 -2.98
N ASN D 28 -8.73 -61.20 -3.32
CA ASN D 28 -7.71 -60.19 -3.07
C ASN D 28 -7.79 -59.69 -1.63
N ILE D 29 -7.80 -60.61 -0.67
CA ILE D 29 -7.78 -60.21 0.73
C ILE D 29 -6.36 -59.88 1.20
N PRO D 30 -5.27 -60.55 0.73
CA PRO D 30 -3.95 -60.17 1.24
C PRO D 30 -3.49 -58.81 0.72
N LEU D 31 -3.68 -58.57 -0.58
CA LEU D 31 -3.17 -57.35 -1.19
C LEU D 31 -3.81 -56.12 -0.56
N LYS D 32 -5.14 -56.12 -0.44
CA LYS D 32 -5.84 -54.94 0.05
C LYS D 32 -5.47 -54.63 1.50
N MET D 33 -5.33 -55.65 2.34
CA MET D 33 -5.01 -55.41 3.74
C MET D 33 -3.51 -55.30 4.00
N HIS D 34 -2.67 -55.52 2.99
CA HIS D 34 -1.23 -55.46 3.17
C HIS D 34 -0.59 -54.24 2.54
N TYR D 35 -0.93 -53.92 1.29
CA TYR D 35 -0.25 -52.85 0.57
C TYR D 35 -1.03 -51.54 0.54
N LEU D 36 -2.35 -51.60 0.43
CA LEU D 36 -3.15 -50.37 0.38
C LEU D 36 -2.96 -49.50 1.62
N PRO D 37 -3.04 -50.01 2.86
CA PRO D 37 -2.81 -49.13 4.02
C PRO D 37 -1.43 -48.50 4.02
N VAL D 38 -0.40 -49.22 3.59
CA VAL D 38 0.96 -48.68 3.61
C VAL D 38 1.08 -47.50 2.66
N ILE D 39 0.64 -47.69 1.42
CA ILE D 39 0.73 -46.61 0.43
C ILE D 39 -0.13 -45.43 0.85
N TYR D 40 -1.34 -45.69 1.36
CA TYR D 40 -2.21 -44.61 1.79
C TYR D 40 -1.58 -43.84 2.95
N GLY D 41 -0.96 -44.54 3.90
CA GLY D 41 -0.31 -43.87 5.00
C GLY D 41 0.86 -43.02 4.56
N ILE D 42 1.67 -43.54 3.63
CA ILE D 42 2.79 -42.75 3.10
C ILE D 42 2.26 -41.48 2.44
N ILE D 43 1.22 -41.63 1.63
CA ILE D 43 0.67 -40.47 0.90
C ILE D 43 0.13 -39.44 1.89
N PHE D 44 -0.62 -39.90 2.88
CA PHE D 44 -1.17 -38.97 3.88
C PHE D 44 -0.07 -38.26 4.64
N LEU D 45 0.94 -39.01 5.08
CA LEU D 45 2.02 -38.42 5.88
C LEU D 45 2.79 -37.38 5.10
N VAL D 46 3.08 -37.65 3.82
CA VAL D 46 3.83 -36.67 3.04
C VAL D 46 2.94 -35.48 2.66
N GLY D 47 1.66 -35.71 2.42
CA GLY D 47 0.82 -34.66 1.87
C GLY D 47 0.06 -33.79 2.84
N PHE D 48 -0.08 -34.19 4.09
CA PHE D 48 -0.83 -33.36 5.04
C PHE D 48 -0.01 -32.14 5.48
N PRO D 49 1.19 -32.31 6.05
CA PRO D 49 1.96 -31.11 6.46
C PRO D 49 2.31 -30.20 5.29
N GLY D 50 2.54 -30.77 4.11
CA GLY D 50 2.84 -29.94 2.96
C GLY D 50 1.70 -29.00 2.61
N ASN D 51 0.48 -29.54 2.58
CA ASN D 51 -0.69 -28.71 2.30
C ASN D 51 -0.91 -27.69 3.41
N ALA D 52 -0.70 -28.09 4.66
CA ALA D 52 -0.85 -27.14 5.77
C ALA D 52 0.12 -25.97 5.62
N VAL D 53 1.39 -26.27 5.30
CA VAL D 53 2.39 -25.22 5.14
C VAL D 53 2.04 -24.34 3.95
N VAL D 54 1.57 -24.94 2.85
CA VAL D 54 1.21 -24.16 1.67
C VAL D 54 0.09 -23.18 2.00
N ILE D 55 -0.94 -23.66 2.71
CA ILE D 55 -2.06 -22.79 3.07
C ILE D 55 -1.61 -21.68 4.00
N SER D 56 -0.76 -22.01 4.98
CA SER D 56 -0.27 -20.99 5.90
C SER D 56 0.55 -19.94 5.17
N THR D 57 1.41 -20.36 4.24
CA THR D 57 2.21 -19.41 3.48
C THR D 57 1.33 -18.52 2.61
N TYR D 58 0.29 -19.11 1.98
CA TYR D 58 -0.62 -18.31 1.18
C TYR D 58 -1.34 -17.27 2.03
N ILE D 59 -1.78 -17.66 3.23
CA ILE D 59 -2.54 -16.74 4.07
C ILE D 59 -1.64 -15.64 4.61
N PHE D 60 -0.42 -15.97 5.05
CA PHE D 60 0.40 -15.03 5.79
C PHE D 60 1.28 -14.17 4.88
N LYS D 61 2.16 -14.80 4.11
CA LYS D 61 3.20 -14.08 3.37
C LYS D 61 2.76 -13.63 1.99
N MET D 62 1.54 -13.96 1.57
CA MET D 62 1.03 -13.56 0.26
C MET D 62 -0.37 -12.97 0.41
N ARG D 63 -0.52 -12.07 1.39
CA ARG D 63 -1.85 -11.60 1.75
C ARG D 63 -2.58 -10.88 0.62
N PRO D 64 -1.97 -9.95 -0.13
CA PRO D 64 -2.69 -9.38 -1.27
C PRO D 64 -2.83 -10.40 -2.38
N TRP D 65 -4.03 -10.94 -2.55
CA TRP D 65 -4.25 -12.10 -3.41
C TRP D 65 -4.50 -11.69 -4.84
N LYS D 66 -3.86 -12.41 -5.77
CA LYS D 66 -4.08 -12.19 -7.19
C LYS D 66 -5.14 -13.17 -7.69
N SER D 67 -5.32 -13.26 -9.00
CA SER D 67 -6.32 -14.15 -9.57
C SER D 67 -5.88 -15.62 -9.61
N SER D 68 -4.60 -15.90 -9.37
CA SER D 68 -4.10 -17.27 -9.37
C SER D 68 -3.92 -17.84 -7.96
N THR D 69 -3.60 -16.99 -6.99
CA THR D 69 -3.43 -17.45 -5.63
C THR D 69 -4.74 -17.97 -5.06
N ILE D 70 -5.86 -17.38 -5.45
CA ILE D 70 -7.16 -17.87 -5.01
C ILE D 70 -7.40 -19.30 -5.49
N ILE D 71 -7.14 -19.54 -6.78
CA ILE D 71 -7.34 -20.87 -7.34
C ILE D 71 -6.39 -21.88 -6.69
N MET D 72 -5.14 -21.48 -6.48
CA MET D 72 -4.18 -22.38 -5.83
C MET D 72 -4.60 -22.68 -4.39
N LEU D 73 -5.08 -21.68 -3.67
CA LEU D 73 -5.54 -21.89 -2.30
C LEU D 73 -6.74 -22.83 -2.25
N ASN D 74 -7.68 -22.67 -3.18
CA ASN D 74 -8.83 -23.56 -3.22
C ASN D 74 -8.41 -24.99 -3.56
N LEU D 75 -7.47 -25.15 -4.49
CA LEU D 75 -6.96 -26.48 -4.79
C LEU D 75 -6.30 -27.11 -3.58
N ALA D 76 -5.53 -26.32 -2.82
CA ALA D 76 -4.91 -26.82 -1.60
C ALA D 76 -5.97 -27.22 -0.58
N CYS D 77 -7.04 -26.45 -0.47
CA CYS D 77 -8.12 -26.80 0.45
C CYS D 77 -8.78 -28.11 0.06
N THR D 78 -9.05 -28.31 -1.23
CA THR D 78 -9.61 -29.59 -1.67
C THR D 78 -8.67 -30.74 -1.39
N ASP D 79 -7.36 -30.54 -1.62
CA ASP D 79 -6.39 -31.59 -1.33
C ASP D 79 -6.37 -31.93 0.15
N LEU D 80 -6.42 -30.91 1.01
CA LEU D 80 -6.44 -31.15 2.46
C LEU D 80 -7.69 -31.91 2.88
N LEU D 81 -8.85 -31.51 2.35
CA LEU D 81 -10.10 -32.19 2.69
C LEU D 81 -10.09 -33.63 2.21
N TYR D 82 -9.52 -33.88 1.03
CA TYR D 82 -9.37 -35.24 0.53
C TYR D 82 -8.47 -36.06 1.46
N LEU D 83 -7.35 -35.49 1.88
CA LEU D 83 -6.40 -36.23 2.70
C LEU D 83 -6.95 -36.50 4.10
N THR D 84 -7.83 -35.62 4.60
CA THR D 84 -8.38 -35.84 5.94
C THR D 84 -9.24 -37.09 6.03
N SER D 85 -9.73 -37.60 4.90
CA SER D 85 -10.57 -38.80 4.90
C SER D 85 -9.77 -40.09 4.73
N LEU D 86 -8.48 -39.99 4.45
CA LEU D 86 -7.67 -41.20 4.25
C LEU D 86 -7.58 -42.09 5.50
N PRO D 87 -7.30 -41.57 6.71
CA PRO D 87 -7.07 -42.48 7.85
C PRO D 87 -8.22 -43.45 8.12
N PHE D 88 -9.46 -43.04 7.85
CA PHE D 88 -10.58 -43.96 7.99
C PHE D 88 -10.40 -45.18 7.10
N LEU D 89 -10.05 -44.96 5.83
CA LEU D 89 -9.86 -46.07 4.90
C LEU D 89 -8.61 -46.86 5.26
N ILE D 90 -7.56 -46.20 5.74
CA ILE D 90 -6.36 -46.92 6.15
C ILE D 90 -6.67 -47.88 7.29
N HIS D 91 -7.45 -47.42 8.27
CA HIS D 91 -7.88 -48.29 9.36
C HIS D 91 -8.79 -49.40 8.86
N TYR D 92 -9.67 -49.07 7.92
CA TYR D 92 -10.62 -50.07 7.42
C TYR D 92 -9.87 -51.21 6.74
N TYR D 93 -8.96 -50.88 5.82
CA TYR D 93 -8.27 -51.94 5.09
C TYR D 93 -7.31 -52.72 6.00
N ALA D 94 -6.64 -52.03 6.92
CA ALA D 94 -5.69 -52.70 7.80
C ALA D 94 -6.40 -53.66 8.74
N SER D 95 -7.48 -53.20 9.38
CA SER D 95 -8.18 -54.01 10.37
C SER D 95 -9.19 -54.92 9.66
N GLY D 96 -8.66 -55.89 8.93
CA GLY D 96 -9.51 -56.83 8.22
C GLY D 96 -10.37 -56.12 7.19
N GLU D 97 -11.68 -56.37 7.26
CA GLU D 97 -12.62 -55.72 6.36
C GLU D 97 -13.89 -55.30 7.10
N ASN D 98 -13.76 -54.92 8.37
CA ASN D 98 -14.90 -54.56 9.21
C ASN D 98 -14.95 -53.05 9.40
N TRP D 99 -16.12 -52.47 9.17
CA TRP D 99 -16.34 -51.04 9.33
C TRP D 99 -17.03 -50.79 10.66
N ILE D 100 -16.42 -49.97 11.51
CA ILE D 100 -16.92 -49.72 12.84
C ILE D 100 -17.35 -48.28 13.07
N PHE D 101 -16.99 -47.35 12.19
CA PHE D 101 -17.28 -45.94 12.42
C PHE D 101 -18.76 -45.60 12.29
N GLY D 102 -19.58 -46.52 11.79
CA GLY D 102 -21.00 -46.31 11.67
C GLY D 102 -21.47 -46.39 10.22
N ASP D 103 -22.80 -46.46 10.09
CA ASP D 103 -23.40 -46.56 8.76
C ASP D 103 -23.30 -45.24 7.99
N PHE D 104 -23.57 -44.13 8.67
CA PHE D 104 -23.50 -42.83 7.99
C PHE D 104 -22.06 -42.45 7.67
N MET D 105 -21.11 -42.88 8.49
CA MET D 105 -19.70 -42.54 8.24
C MET D 105 -19.21 -43.16 6.95
N CYS D 106 -19.67 -44.38 6.63
CA CYS D 106 -19.30 -45.01 5.37
C CYS D 106 -19.73 -44.15 4.19
N LYS D 107 -21.00 -43.76 4.16
CA LYS D 107 -21.50 -42.93 3.07
C LYS D 107 -20.76 -41.60 3.00
N PHE D 108 -20.53 -40.97 4.16
CA PHE D 108 -19.87 -39.67 4.19
C PHE D 108 -18.45 -39.77 3.65
N ILE D 109 -17.70 -40.81 4.06
CA ILE D 109 -16.32 -40.93 3.62
C ILE D 109 -16.24 -41.25 2.13
N ARG D 110 -17.07 -42.18 1.65
CA ARG D 110 -17.04 -42.50 0.22
C ARG D 110 -17.54 -41.32 -0.61
N PHE D 111 -18.40 -40.47 -0.04
CA PHE D 111 -18.75 -39.24 -0.72
C PHE D 111 -17.59 -38.27 -0.77
N SER D 112 -16.90 -38.09 0.34
CA SER D 112 -15.82 -37.11 0.42
C SER D 112 -14.70 -37.48 -0.54
N PHE D 113 -14.40 -38.78 -0.66
CA PHE D 113 -13.35 -39.21 -1.58
C PHE D 113 -13.61 -38.70 -3.00
N HIS D 114 -14.81 -38.99 -3.53
CA HIS D 114 -15.13 -38.59 -4.90
C HIS D 114 -15.34 -37.09 -5.01
N PHE D 115 -15.93 -36.48 -3.99
CA PHE D 115 -16.22 -35.05 -4.04
C PHE D 115 -14.96 -34.21 -4.05
N ASN D 116 -13.90 -34.67 -3.38
CA ASN D 116 -12.63 -33.98 -3.41
C ASN D 116 -11.67 -34.52 -4.46
N LEU D 117 -12.02 -35.63 -5.12
CA LEU D 117 -11.24 -36.10 -6.26
C LEU D 117 -11.71 -35.48 -7.57
N TYR D 118 -13.00 -35.20 -7.71
CA TYR D 118 -13.54 -34.61 -8.92
C TYR D 118 -13.54 -33.10 -8.89
N SER D 119 -13.16 -32.48 -7.77
CA SER D 119 -12.96 -31.04 -7.72
C SER D 119 -11.56 -30.65 -8.15
N SER D 120 -10.58 -31.51 -7.92
CA SER D 120 -9.22 -31.23 -8.38
C SER D 120 -9.16 -31.15 -9.90
N ILE D 121 -9.86 -32.05 -10.59
CA ILE D 121 -9.87 -32.02 -12.04
C ILE D 121 -10.47 -30.72 -12.56
N LEU D 122 -11.58 -30.28 -11.94
CA LEU D 122 -12.23 -29.06 -12.40
C LEU D 122 -11.38 -27.83 -12.09
N PHE D 123 -10.67 -27.83 -10.96
CA PHE D 123 -9.79 -26.71 -10.65
C PHE D 123 -8.59 -26.67 -11.60
N LEU D 124 -8.04 -27.82 -11.95
CA LEU D 124 -6.97 -27.86 -12.95
C LEU D 124 -7.48 -27.36 -14.30
N THR D 125 -8.70 -27.74 -14.68
CA THR D 125 -9.27 -27.24 -15.92
C THR D 125 -9.45 -25.73 -15.90
N CYS D 126 -9.94 -25.19 -14.78
CA CYS D 126 -10.11 -23.74 -14.66
C CYS D 126 -8.76 -23.02 -14.74
N PHE D 127 -7.74 -23.55 -14.08
CA PHE D 127 -6.42 -22.93 -14.15
C PHE D 127 -5.85 -23.02 -15.56
N SER D 128 -6.09 -24.12 -16.25
CA SER D 128 -5.64 -24.25 -17.64
C SER D 128 -6.31 -23.22 -18.54
N ILE D 129 -7.62 -23.02 -18.36
CA ILE D 129 -8.33 -22.00 -19.13
C ILE D 129 -7.78 -20.61 -18.84
N PHE D 130 -7.54 -20.32 -17.56
CA PHE D 130 -6.97 -19.02 -17.19
C PHE D 130 -5.59 -18.81 -17.81
N ARG D 131 -4.75 -19.86 -17.77
CA ARG D 131 -3.42 -19.76 -18.37
C ARG D 131 -3.52 -19.51 -19.87
N TYR D 132 -4.43 -20.22 -20.54
CA TYR D 132 -4.63 -20.01 -21.97
C TYR D 132 -5.00 -18.56 -22.25
N CYS D 133 -6.01 -18.04 -21.54
CA CYS D 133 -6.47 -16.68 -21.78
C CYS D 133 -5.37 -15.66 -21.51
N VAL D 134 -4.59 -15.87 -20.44
CA VAL D 134 -3.56 -14.91 -20.06
C VAL D 134 -2.36 -14.95 -21.01
N ILE D 135 -2.00 -16.12 -21.53
CA ILE D 135 -0.75 -16.26 -22.28
C ILE D 135 -0.98 -16.02 -23.76
N ILE D 136 -2.09 -16.52 -24.30
CA ILE D 136 -2.33 -16.42 -25.73
C ILE D 136 -3.00 -15.09 -26.10
N HIS D 137 -3.67 -14.45 -25.15
CA HIS D 137 -4.21 -13.10 -25.33
C HIS D 137 -3.65 -12.22 -24.22
N PRO D 138 -2.35 -11.91 -24.27
CA PRO D 138 -1.72 -11.18 -23.15
C PRO D 138 -2.31 -9.81 -22.90
N MET D 139 -2.78 -9.12 -23.93
CA MET D 139 -3.27 -7.76 -23.82
C MET D 139 -4.62 -7.60 -24.50
N SER D 140 -5.46 -8.63 -24.39
CA SER D 140 -6.80 -8.58 -24.96
C SER D 140 -7.88 -9.08 -24.02
N CYS D 141 -7.53 -9.52 -22.81
CA CYS D 141 -8.50 -10.02 -21.83
C CYS D 141 -8.09 -9.43 -20.48
N PHE D 142 -8.65 -8.26 -20.15
CA PHE D 142 -8.30 -7.55 -18.94
C PHE D 142 -9.20 -7.87 -17.76
N SER D 143 -10.22 -8.70 -17.95
CA SER D 143 -11.11 -9.08 -16.86
C SER D 143 -10.64 -10.31 -16.12
N ILE D 144 -9.77 -11.13 -16.73
CA ILE D 144 -9.26 -12.32 -16.06
C ILE D 144 -8.44 -11.94 -14.84
N HIS D 145 -7.65 -10.87 -14.95
CA HIS D 145 -6.76 -10.46 -13.86
C HIS D 145 -7.52 -9.93 -12.65
N LYS D 146 -8.82 -9.66 -12.77
CA LYS D 146 -9.59 -9.20 -11.62
C LYS D 146 -9.73 -10.31 -10.58
N THR D 147 -9.99 -9.89 -9.34
CA THR D 147 -10.06 -10.79 -8.21
C THR D 147 -11.44 -11.41 -8.03
N ARG D 148 -12.44 -10.96 -8.79
CA ARG D 148 -13.80 -11.48 -8.67
C ARG D 148 -14.05 -12.67 -9.58
N CYS D 149 -13.42 -12.69 -10.76
CA CYS D 149 -13.63 -13.78 -11.70
C CYS D 149 -13.16 -15.11 -11.10
N ALA D 150 -12.03 -15.10 -10.40
CA ALA D 150 -11.56 -16.33 -9.77
C ALA D 150 -12.53 -16.83 -8.72
N VAL D 151 -13.08 -15.93 -7.90
CA VAL D 151 -14.04 -16.33 -6.88
C VAL D 151 -15.28 -16.92 -7.51
N VAL D 152 -15.79 -16.28 -8.57
CA VAL D 152 -16.98 -16.81 -9.24
C VAL D 152 -16.71 -18.19 -9.83
N ALA D 153 -15.55 -18.35 -10.46
CA ALA D 153 -15.20 -19.64 -11.06
C ALA D 153 -15.09 -20.73 -10.00
N CYS D 154 -14.47 -20.41 -8.86
CA CYS D 154 -14.35 -21.39 -7.79
C CYS D 154 -15.71 -21.77 -7.22
N ALA D 155 -16.60 -20.80 -7.05
CA ALA D 155 -17.95 -21.12 -6.57
C ALA D 155 -18.67 -22.04 -7.55
N VAL D 156 -18.55 -21.75 -8.84
CA VAL D 156 -19.18 -22.61 -9.85
C VAL D 156 -18.61 -24.02 -9.78
N VAL D 157 -17.29 -24.14 -9.61
CA VAL D 157 -16.66 -25.45 -9.54
C VAL D 157 -17.18 -26.23 -8.35
N TRP D 158 -17.25 -25.59 -7.18
CA TRP D 158 -17.74 -26.26 -5.99
C TRP D 158 -19.18 -26.73 -6.19
N ILE D 159 -20.03 -25.88 -6.74
CA ILE D 159 -21.44 -26.24 -6.93
C ILE D 159 -21.55 -27.42 -7.88
N ILE D 160 -20.83 -27.38 -9.00
CA ILE D 160 -20.91 -28.46 -9.99
C ILE D 160 -20.46 -29.78 -9.38
N SER D 161 -19.34 -29.75 -8.64
CA SER D 161 -18.83 -30.98 -8.05
C SER D 161 -19.81 -31.57 -7.04
N LEU D 162 -20.37 -30.72 -6.17
CA LEU D 162 -21.31 -31.23 -5.18
C LEU D 162 -22.55 -31.82 -5.85
N VAL D 163 -23.08 -31.14 -6.86
CA VAL D 163 -24.26 -31.64 -7.56
C VAL D 163 -23.95 -32.96 -8.24
N ALA D 164 -22.75 -33.10 -8.79
CA ALA D 164 -22.39 -34.34 -9.48
C ALA D 164 -22.17 -35.50 -8.52
N VAL D 165 -21.74 -35.24 -7.29
CA VAL D 165 -21.39 -36.33 -6.39
C VAL D 165 -22.50 -36.73 -5.42
N ILE D 166 -23.51 -35.87 -5.17
CA ILE D 166 -24.60 -36.24 -4.26
C ILE D 166 -25.29 -37.55 -4.66
N PRO D 167 -25.60 -37.80 -5.95
CA PRO D 167 -26.20 -39.10 -6.29
C PRO D 167 -25.38 -40.29 -5.82
N MET D 168 -24.05 -40.14 -5.74
CA MET D 168 -23.23 -41.23 -5.21
C MET D 168 -23.58 -41.51 -3.75
N THR D 169 -23.88 -40.46 -3.00
CA THR D 169 -24.32 -40.68 -1.63
C THR D 169 -25.66 -41.39 -1.64
N PHE D 170 -26.47 -41.14 -2.66
CA PHE D 170 -27.81 -41.73 -2.67
C PHE D 170 -27.81 -43.24 -2.91
N LEU D 171 -26.69 -43.86 -3.35
CA LEU D 171 -26.77 -45.27 -3.69
C LEU D 171 -25.54 -46.10 -3.28
N ILE D 172 -24.79 -45.65 -2.28
CA ILE D 172 -23.68 -46.44 -1.74
C ILE D 172 -24.21 -47.37 -0.67
N THR D 173 -23.66 -48.58 -0.59
CA THR D 173 -24.18 -49.62 0.30
C THR D 173 -23.15 -49.96 1.38
N SER D 174 -23.61 -49.92 2.63
CA SER D 174 -22.93 -50.54 3.76
C SER D 174 -23.82 -51.64 4.28
N THR D 175 -23.27 -52.86 4.42
CA THR D 175 -24.10 -54.03 4.68
C THR D 175 -23.34 -54.98 5.60
N ASN D 176 -23.94 -56.15 5.82
CA ASN D 176 -23.41 -57.15 6.75
C ASN D 176 -23.07 -58.43 5.99
N ARG D 177 -22.37 -58.27 4.87
CA ARG D 177 -22.01 -59.40 4.01
C ARG D 177 -21.28 -60.49 4.78
N THR D 178 -21.93 -61.65 4.90
CA THR D 178 -21.36 -62.83 5.54
C THR D 178 -20.79 -62.52 6.92
N ASN D 179 -21.66 -62.00 7.79
CA ASN D 179 -21.40 -61.73 9.21
C ASN D 179 -20.48 -60.52 9.39
N ARG D 180 -19.90 -59.98 8.32
CA ARG D 180 -18.99 -58.86 8.41
C ARG D 180 -19.78 -57.56 8.57
N SER D 181 -19.08 -56.43 8.52
CA SER D 181 -19.69 -55.10 8.46
C SER D 181 -18.90 -54.35 7.39
N ALA D 182 -19.34 -54.47 6.15
CA ALA D 182 -18.56 -54.02 5.01
C ALA D 182 -19.21 -52.81 4.36
N CYS D 183 -18.42 -51.75 4.17
CA CYS D 183 -18.85 -50.55 3.45
C CYS D 183 -18.37 -50.71 2.02
N LEU D 184 -19.22 -51.27 1.16
CA LEU D 184 -18.80 -51.58 -0.19
C LEU D 184 -18.58 -50.31 -1.01
N ASP D 185 -17.69 -50.40 -1.97
CA ASP D 185 -17.39 -49.26 -2.83
C ASP D 185 -18.49 -49.10 -3.88
N LEU D 186 -18.32 -48.09 -4.75
CA LEU D 186 -19.33 -47.80 -5.75
C LEU D 186 -19.47 -48.95 -6.75
N THR D 187 -18.36 -49.55 -7.16
CA THR D 187 -18.41 -50.53 -8.24
C THR D 187 -18.86 -51.92 -7.80
N SER D 188 -19.04 -52.13 -6.50
CA SER D 188 -19.40 -53.46 -6.01
C SER D 188 -20.60 -53.44 -5.07
N SER D 189 -21.57 -52.57 -5.34
CA SER D 189 -22.78 -52.55 -4.52
C SER D 189 -23.86 -53.39 -5.20
N ASP D 190 -25.10 -53.26 -4.72
CA ASP D 190 -26.18 -54.14 -5.18
C ASP D 190 -26.77 -53.68 -6.51
N GLU D 191 -27.35 -52.48 -6.53
CA GLU D 191 -28.00 -51.98 -7.74
C GLU D 191 -26.96 -51.68 -8.81
N LEU D 192 -26.88 -52.54 -9.83
CA LEU D 192 -25.81 -52.46 -10.81
C LEU D 192 -26.19 -51.62 -12.02
N ASN D 193 -27.39 -51.82 -12.57
CA ASN D 193 -27.80 -51.09 -13.76
C ASN D 193 -27.76 -49.58 -13.52
N THR D 194 -28.35 -49.14 -12.41
CA THR D 194 -28.30 -47.72 -12.06
C THR D 194 -26.87 -47.25 -11.88
N ILE D 195 -26.05 -48.06 -11.22
CA ILE D 195 -24.64 -47.70 -11.02
C ILE D 195 -23.92 -47.61 -12.34
N LYS D 196 -24.16 -48.57 -13.24
CA LYS D 196 -23.49 -48.55 -14.54
C LYS D 196 -23.82 -47.27 -15.30
N TRP D 197 -25.11 -46.92 -15.36
CA TRP D 197 -25.48 -45.73 -16.13
C TRP D 197 -25.01 -44.46 -15.46
N TYR D 198 -25.11 -44.37 -14.13
CA TYR D 198 -24.63 -43.19 -13.43
C TYR D 198 -23.13 -43.01 -13.61
N ASN D 199 -22.37 -44.12 -13.53
CA ASN D 199 -20.93 -44.04 -13.73
C ASN D 199 -20.60 -43.60 -15.15
N LEU D 200 -21.28 -44.14 -16.15
CA LEU D 200 -21.03 -43.73 -17.52
C LEU D 200 -21.30 -42.24 -17.70
N ILE D 201 -22.44 -41.77 -17.20
CA ILE D 201 -22.80 -40.37 -17.35
C ILE D 201 -21.79 -39.47 -16.64
N LEU D 202 -21.44 -39.82 -15.39
CA LEU D 202 -20.53 -39.00 -14.61
C LEU D 202 -19.15 -38.94 -15.26
N THR D 203 -18.64 -40.08 -15.71
CA THR D 203 -17.38 -40.08 -16.43
C THR D 203 -17.44 -39.16 -17.65
N ALA D 204 -18.49 -39.32 -18.46
CA ALA D 204 -18.59 -38.55 -19.69
C ALA D 204 -18.60 -37.06 -19.43
N THR D 205 -19.35 -36.61 -18.42
CA THR D 205 -19.48 -35.16 -18.24
C THR D 205 -18.47 -34.58 -17.26
N THR D 206 -17.64 -35.39 -16.60
CA THR D 206 -16.74 -34.85 -15.61
C THR D 206 -15.27 -35.21 -15.82
N PHE D 207 -14.94 -36.16 -16.69
CA PHE D 207 -13.55 -36.47 -16.96
C PHE D 207 -13.17 -36.26 -18.41
N CYS D 208 -13.94 -36.80 -19.35
CA CYS D 208 -13.56 -36.72 -20.76
C CYS D 208 -13.56 -35.28 -21.25
N LEU D 209 -14.58 -34.51 -20.91
CA LEU D 209 -14.63 -33.11 -21.32
C LEU D 209 -13.50 -32.28 -20.71
N PRO D 210 -13.23 -32.33 -19.40
CA PRO D 210 -12.04 -31.64 -18.88
C PRO D 210 -10.76 -32.12 -19.50
N LEU D 211 -10.65 -33.41 -19.83
CA LEU D 211 -9.47 -33.92 -20.51
C LEU D 211 -9.28 -33.23 -21.86
N VAL D 212 -10.36 -33.10 -22.62
CA VAL D 212 -10.27 -32.46 -23.93
C VAL D 212 -9.90 -30.98 -23.78
N ILE D 213 -10.52 -30.29 -22.82
CA ILE D 213 -10.23 -28.87 -22.62
C ILE D 213 -8.76 -28.68 -22.24
N VAL D 214 -8.27 -29.49 -21.31
CA VAL D 214 -6.89 -29.37 -20.85
C VAL D 214 -5.93 -29.67 -21.98
N THR D 215 -6.20 -30.72 -22.76
CA THR D 215 -5.33 -31.06 -23.87
C THR D 215 -5.27 -29.92 -24.89
N LEU D 216 -6.43 -29.37 -25.26
CA LEU D 216 -6.46 -28.29 -26.24
C LEU D 216 -5.68 -27.08 -25.74
N CYS D 217 -5.94 -26.66 -24.50
CA CYS D 217 -5.29 -25.46 -23.98
C CYS D 217 -3.78 -25.65 -23.87
N TYR D 218 -3.34 -26.78 -23.29
CA TYR D 218 -1.92 -26.98 -23.06
C TYR D 218 -1.18 -27.45 -24.30
N THR D 219 -1.88 -27.76 -25.39
CA THR D 219 -1.22 -27.97 -26.67
C THR D 219 -1.09 -26.67 -27.44
N THR D 220 -2.14 -25.83 -27.41
CA THR D 220 -2.05 -24.53 -28.07
C THR D 220 -1.00 -23.65 -27.40
N ILE D 221 -0.91 -23.71 -26.06
CA ILE D 221 0.12 -22.94 -25.36
C ILE D 221 1.52 -23.42 -25.76
N ILE D 222 1.71 -24.74 -25.86
CA ILE D 222 3.00 -25.27 -26.25
C ILE D 222 3.36 -24.82 -27.66
N HIS D 223 2.39 -24.86 -28.57
CA HIS D 223 2.64 -24.41 -29.94
C HIS D 223 3.00 -22.93 -29.98
N THR D 224 2.29 -22.10 -29.21
CA THR D 224 2.57 -20.67 -29.18
C THR D 224 3.96 -20.38 -28.62
N LEU D 225 4.35 -21.10 -27.56
CA LEU D 225 5.62 -20.83 -26.91
C LEU D 225 6.83 -21.24 -27.76
N THR D 226 6.62 -21.76 -28.96
CA THR D 226 7.70 -22.08 -29.87
C THR D 226 7.84 -21.07 -31.01
N HIS D 227 6.74 -20.51 -31.49
CA HIS D 227 6.76 -19.50 -32.54
C HIS D 227 6.61 -18.12 -31.90
N GLY D 228 7.59 -17.26 -32.12
CA GLY D 228 7.54 -15.93 -31.54
C GLY D 228 8.85 -15.20 -31.75
N LEU D 229 8.94 -14.04 -31.10
CA LEU D 229 10.13 -13.19 -31.24
C LEU D 229 11.37 -13.90 -30.72
N GLN D 230 11.40 -14.19 -29.42
CA GLN D 230 12.53 -14.85 -28.78
C GLN D 230 12.20 -16.33 -28.62
N THR D 231 12.71 -17.17 -29.52
CA THR D 231 12.48 -18.60 -29.42
C THR D 231 13.30 -19.23 -28.31
N ASP D 232 14.55 -18.79 -28.15
CA ASP D 232 15.44 -19.31 -27.12
C ASP D 232 15.49 -18.33 -25.96
N SER D 233 15.13 -18.81 -24.77
CA SER D 233 15.13 -17.97 -23.59
C SER D 233 15.22 -18.84 -22.35
N CYS D 234 15.52 -18.21 -21.22
CA CYS D 234 15.54 -18.93 -19.95
C CYS D 234 14.14 -19.25 -19.44
N LEU D 235 13.13 -18.57 -19.96
CA LEU D 235 11.75 -18.77 -19.53
C LEU D 235 10.90 -19.51 -20.56
N LYS D 236 11.04 -19.17 -21.84
CA LYS D 236 10.24 -19.81 -22.88
C LYS D 236 10.60 -21.27 -23.09
N GLN D 237 11.72 -21.73 -22.55
CA GLN D 237 12.06 -23.15 -22.57
C GLN D 237 11.64 -23.86 -21.30
N LYS D 238 11.81 -23.22 -20.13
CA LYS D 238 11.37 -23.81 -18.88
C LYS D 238 9.86 -24.00 -18.85
N ALA D 239 9.12 -23.00 -19.35
CA ALA D 239 7.67 -23.12 -19.37
C ALA D 239 7.21 -24.25 -20.29
N ARG D 240 7.85 -24.38 -21.46
CA ARG D 240 7.47 -25.46 -22.37
C ARG D 240 7.91 -26.82 -21.84
N ARG D 241 8.96 -26.86 -21.03
CA ARG D 241 9.33 -28.13 -20.38
C ARG D 241 8.32 -28.52 -19.32
N LEU D 242 7.84 -27.55 -18.53
CA LEU D 242 6.90 -27.83 -17.47
C LEU D 242 5.50 -28.17 -18.00
N THR D 243 5.11 -27.57 -19.12
CA THR D 243 3.77 -27.80 -19.67
C THR D 243 3.59 -29.26 -20.10
N ILE D 244 4.64 -29.91 -20.60
CA ILE D 244 4.51 -31.33 -20.94
C ILE D 244 4.42 -32.18 -19.69
N LEU D 245 5.14 -31.81 -18.63
CA LEU D 245 5.05 -32.55 -17.38
C LEU D 245 3.64 -32.50 -16.80
N LEU D 246 2.99 -31.33 -16.88
CA LEU D 246 1.62 -31.23 -16.39
C LEU D 246 0.69 -32.18 -17.13
N LEU D 247 0.80 -32.22 -18.46
CA LEU D 247 -0.04 -33.11 -19.26
C LEU D 247 0.25 -34.57 -18.93
N LEU D 248 1.53 -34.93 -18.81
CA LEU D 248 1.89 -36.29 -18.50
C LEU D 248 1.31 -36.72 -17.16
N ALA D 249 1.43 -35.86 -16.14
CA ALA D 249 0.89 -36.18 -14.83
C ALA D 249 -0.62 -36.38 -14.90
N PHE D 250 -1.33 -35.43 -15.54
CA PHE D 250 -2.78 -35.53 -15.64
C PHE D 250 -3.19 -36.84 -16.30
N TYR D 251 -2.64 -37.13 -17.48
CA TYR D 251 -3.04 -38.32 -18.22
C TYR D 251 -2.72 -39.59 -17.44
N VAL D 252 -1.47 -39.73 -17.00
CA VAL D 252 -1.03 -40.96 -16.35
C VAL D 252 -1.83 -41.22 -15.08
N CYS D 253 -2.10 -40.17 -14.30
CA CYS D 253 -2.80 -40.37 -13.05
C CYS D 253 -4.30 -40.60 -13.24
N PHE D 254 -4.92 -40.01 -14.26
CA PHE D 254 -6.38 -40.04 -14.32
C PHE D 254 -6.96 -41.04 -15.31
N LEU D 255 -6.31 -41.31 -16.44
CA LEU D 255 -6.93 -42.18 -17.43
C LEU D 255 -7.14 -43.62 -16.95
N PRO D 256 -6.12 -44.32 -16.44
CA PRO D 256 -6.33 -45.73 -16.08
C PRO D 256 -7.42 -45.95 -15.03
N PHE D 257 -7.55 -45.02 -14.08
CA PHE D 257 -8.56 -45.16 -13.04
C PHE D 257 -9.96 -45.26 -13.65
N HIS D 258 -10.32 -44.31 -14.50
CA HIS D 258 -11.65 -44.31 -15.09
C HIS D 258 -11.83 -45.46 -16.08
N ILE D 259 -10.79 -45.76 -16.87
CA ILE D 259 -10.90 -46.86 -17.82
C ILE D 259 -11.17 -48.17 -17.08
N LEU D 260 -10.42 -48.43 -16.01
CA LEU D 260 -10.60 -49.68 -15.28
C LEU D 260 -11.89 -49.71 -14.49
N ARG D 261 -12.35 -48.56 -14.00
CA ARG D 261 -13.67 -48.51 -13.37
C ARG D 261 -14.76 -48.95 -14.36
N VAL D 262 -14.72 -48.38 -15.56
CA VAL D 262 -15.72 -48.75 -16.57
C VAL D 262 -15.61 -50.22 -16.92
N ILE D 263 -14.39 -50.72 -17.10
CA ILE D 263 -14.19 -52.12 -17.48
C ILE D 263 -14.73 -53.05 -16.40
N ARG D 264 -14.43 -52.75 -15.13
CA ARG D 264 -14.89 -53.62 -14.04
C ARG D 264 -16.41 -53.60 -13.93
N ILE D 265 -17.01 -52.40 -13.94
CA ILE D 265 -18.46 -52.30 -13.80
C ILE D 265 -19.17 -53.03 -14.94
N GLU D 266 -18.64 -52.91 -16.17
CA GLU D 266 -19.23 -53.65 -17.28
C GLU D 266 -19.02 -55.16 -17.11
N SER D 267 -17.85 -55.57 -16.62
CA SER D 267 -17.55 -56.99 -16.52
C SER D 267 -18.41 -57.69 -15.47
N ARG D 268 -18.85 -56.94 -14.45
CA ARG D 268 -19.71 -57.55 -13.44
C ARG D 268 -20.97 -58.14 -14.06
N LEU D 269 -21.60 -57.41 -14.98
CA LEU D 269 -22.85 -57.86 -15.58
C LEU D 269 -22.65 -59.14 -16.41
N LEU D 270 -21.57 -59.20 -17.17
CA LEU D 270 -21.36 -60.32 -18.08
C LEU D 270 -21.04 -61.59 -17.29
N SER D 271 -20.90 -62.70 -18.02
CA SER D 271 -20.58 -64.00 -17.45
C SER D 271 -19.14 -64.35 -17.84
N ILE D 272 -18.20 -64.03 -16.95
CA ILE D 272 -16.78 -64.24 -17.18
C ILE D 272 -16.24 -65.17 -16.10
N SER D 273 -15.09 -65.76 -16.38
CA SER D 273 -14.45 -66.66 -15.43
C SER D 273 -14.03 -65.89 -14.18
N CYS D 274 -13.93 -66.61 -13.06
CA CYS D 274 -13.55 -65.99 -11.79
C CYS D 274 -12.18 -65.35 -11.88
N SER D 275 -11.23 -66.01 -12.57
CA SER D 275 -9.86 -65.50 -12.65
C SER D 275 -9.82 -64.13 -13.32
N ILE D 276 -10.56 -63.96 -14.43
CA ILE D 276 -10.56 -62.69 -15.13
C ILE D 276 -11.09 -61.57 -14.25
N GLU D 277 -12.17 -61.84 -13.52
CA GLU D 277 -12.70 -60.85 -12.59
C GLU D 277 -11.68 -60.49 -11.53
N ASN D 278 -10.92 -61.47 -11.05
CA ASN D 278 -9.87 -61.20 -10.07
C ASN D 278 -8.78 -60.31 -10.66
N GLN D 279 -8.40 -60.56 -11.91
CA GLN D 279 -7.39 -59.71 -12.56
C GLN D 279 -7.90 -58.29 -12.71
N ILE D 280 -9.16 -58.12 -13.11
CA ILE D 280 -9.72 -56.77 -13.26
C ILE D 280 -9.78 -56.08 -11.90
N HIS D 281 -10.13 -56.82 -10.84
CA HIS D 281 -10.14 -56.25 -9.50
C HIS D 281 -8.75 -55.82 -9.08
N GLU D 282 -7.73 -56.64 -9.35
CA GLU D 282 -6.36 -56.27 -9.02
C GLU D 282 -5.94 -55.01 -9.77
N ALA D 283 -6.28 -54.93 -11.05
CA ALA D 283 -5.93 -53.74 -11.83
C ALA D 283 -6.61 -52.51 -11.27
N TYR D 284 -7.89 -52.61 -10.92
CA TYR D 284 -8.59 -51.46 -10.35
C TYR D 284 -8.00 -51.04 -9.01
N ILE D 285 -7.68 -52.02 -8.16
CA ILE D 285 -7.12 -51.73 -6.84
C ILE D 285 -5.78 -51.02 -6.97
N VAL D 286 -4.91 -51.50 -7.87
CA VAL D 286 -3.63 -50.84 -8.04
C VAL D 286 -3.77 -49.52 -8.78
N SER D 287 -4.88 -49.33 -9.52
CA SER D 287 -5.07 -48.07 -10.24
C SER D 287 -5.52 -46.96 -9.30
N ARG D 288 -6.34 -47.23 -8.33
CA ARG D 288 -6.87 -46.23 -7.36
C ARG D 288 -5.90 -45.40 -6.54
N PRO D 289 -4.64 -45.86 -6.22
CA PRO D 289 -3.65 -44.95 -5.60
C PRO D 289 -3.00 -43.97 -6.57
N LEU D 290 -3.18 -44.16 -7.87
CA LEU D 290 -2.61 -43.20 -8.82
C LEU D 290 -3.23 -41.82 -8.65
N ALA D 291 -4.48 -41.76 -8.21
CA ALA D 291 -5.08 -40.46 -7.91
C ALA D 291 -4.39 -39.77 -6.74
N ALA D 292 -4.00 -40.54 -5.72
CA ALA D 292 -3.23 -39.96 -4.62
C ALA D 292 -1.84 -39.54 -5.09
N LEU D 293 -1.25 -40.31 -6.00
CA LEU D 293 -0.02 -39.83 -6.64
C LEU D 293 -0.27 -38.52 -7.37
N ASN D 294 -1.47 -38.34 -7.93
CA ASN D 294 -1.80 -37.10 -8.60
C ASN D 294 -1.92 -35.94 -7.62
N THR D 295 -2.49 -36.19 -6.43
CA THR D 295 -2.55 -35.09 -5.46
C THR D 295 -1.19 -34.80 -4.88
N PHE D 296 -0.25 -35.75 -4.96
CA PHE D 296 1.16 -35.43 -4.76
C PHE D 296 1.68 -34.50 -5.85
N GLY D 297 1.45 -34.89 -7.10
CA GLY D 297 2.01 -34.15 -8.22
C GLY D 297 1.48 -32.74 -8.35
N ASN D 298 0.20 -32.53 -8.02
CA ASN D 298 -0.37 -31.20 -8.04
C ASN D 298 0.44 -30.26 -7.16
N LEU D 299 0.64 -30.65 -5.89
CA LEU D 299 1.44 -29.86 -4.96
C LEU D 299 2.84 -29.64 -5.52
N LEU D 300 3.51 -30.74 -5.91
CA LEU D 300 4.92 -30.68 -6.30
C LEU D 300 5.13 -29.77 -7.51
N LEU D 301 4.28 -29.89 -8.52
CA LEU D 301 4.45 -29.18 -9.78
C LEU D 301 3.78 -27.81 -9.80
N TYR D 302 2.94 -27.48 -8.81
CA TYR D 302 2.26 -26.20 -8.86
C TYR D 302 2.69 -25.22 -7.78
N VAL D 303 3.31 -25.66 -6.67
CA VAL D 303 3.71 -24.68 -5.68
C VAL D 303 5.23 -24.65 -5.53
N VAL D 304 5.89 -25.81 -5.66
CA VAL D 304 7.32 -25.90 -5.40
C VAL D 304 8.15 -25.20 -6.47
N VAL D 305 7.70 -25.20 -7.73
CA VAL D 305 8.52 -24.71 -8.83
C VAL D 305 8.05 -23.32 -9.25
N SER D 306 7.44 -22.59 -8.33
CA SER D 306 6.99 -21.22 -8.56
C SER D 306 7.88 -20.25 -7.79
N ASP D 307 8.36 -19.22 -8.47
CA ASP D 307 9.31 -18.29 -7.86
C ASP D 307 8.69 -17.52 -6.71
N ASN D 308 7.43 -17.11 -6.86
CA ASN D 308 6.79 -16.31 -5.81
C ASN D 308 6.69 -17.08 -4.50
N PHE D 309 6.30 -18.35 -4.57
CA PHE D 309 6.20 -19.16 -3.36
C PHE D 309 7.56 -19.35 -2.71
N GLN D 310 8.60 -19.58 -3.52
CA GLN D 310 9.93 -19.73 -2.97
C GLN D 310 10.39 -18.46 -2.27
N GLN D 311 10.15 -17.29 -2.87
CA GLN D 311 10.52 -16.05 -2.22
C GLN D 311 9.74 -15.82 -0.94
N ALA D 312 8.44 -16.14 -0.95
CA ALA D 312 7.63 -16.00 0.26
C ALA D 312 8.13 -16.90 1.37
N VAL D 313 8.52 -18.14 1.03
CA VAL D 313 9.04 -19.06 2.04
C VAL D 313 10.37 -18.56 2.58
N CYS D 314 11.26 -18.11 1.69
CA CYS D 314 12.57 -17.64 2.14
C CYS D 314 12.47 -16.37 2.98
N SER D 315 11.45 -15.56 2.75
CA SER D 315 11.27 -14.34 3.53
C SER D 315 11.05 -14.65 5.01
N THR D 316 10.25 -15.67 5.30
CA THR D 316 10.00 -16.05 6.69
C THR D 316 11.28 -16.50 7.38
N VAL D 317 12.08 -17.31 6.69
CA VAL D 317 13.34 -17.79 7.27
C VAL D 317 14.29 -16.62 7.49
N ARG D 318 14.37 -15.71 6.53
CA ARG D 318 15.24 -14.54 6.68
C ARG D 318 14.82 -13.68 7.87
N CYS D 319 13.51 -13.46 8.02
CA CYS D 319 13.03 -12.68 9.16
C CYS D 319 13.33 -13.39 10.47
N LYS D 320 13.16 -14.71 10.51
CA LYS D 320 13.40 -15.45 11.75
C LYS D 320 14.87 -15.42 12.13
N VAL D 321 15.76 -15.55 11.15
CA VAL D 321 17.20 -15.54 11.44
C VAL D 321 17.62 -14.19 12.01
N SER D 322 17.15 -13.10 11.42
CA SER D 322 17.48 -11.76 11.88
C SER D 322 16.70 -11.40 13.13
N GLY E 2 -17.51 -4.71 16.78
CA GLY E 2 -18.73 -4.13 16.28
C GLY E 2 -19.78 -3.91 17.36
N CYS E 3 -19.64 -4.64 18.46
CA CYS E 3 -20.57 -4.54 19.58
C CYS E 3 -20.08 -3.60 20.68
N THR E 4 -18.94 -2.92 20.46
CA THR E 4 -18.39 -2.00 21.43
C THR E 4 -18.01 -0.68 20.78
N LEU E 5 -18.70 -0.31 19.71
CA LEU E 5 -18.44 0.93 18.98
C LEU E 5 -19.62 1.87 19.13
N SER E 6 -19.33 3.17 19.23
CA SER E 6 -20.38 4.17 19.35
C SER E 6 -21.02 4.42 18.00
N ALA E 7 -22.00 5.33 17.97
CA ALA E 7 -22.68 5.63 16.72
C ALA E 7 -21.82 6.45 15.77
N GLU E 8 -20.81 7.14 16.28
CA GLU E 8 -19.91 7.94 15.45
C GLU E 8 -18.66 7.18 15.03
N ASP E 9 -18.46 5.96 15.52
CA ASP E 9 -17.32 5.15 15.11
C ASP E 9 -17.65 4.20 13.97
N LYS E 10 -18.88 3.67 13.94
CA LYS E 10 -19.29 2.84 12.82
C LYS E 10 -19.30 3.64 11.52
N ALA E 11 -19.69 4.91 11.58
CA ALA E 11 -19.66 5.75 10.39
C ALA E 11 -18.24 6.00 9.92
N ALA E 12 -17.30 6.16 10.86
CA ALA E 12 -15.90 6.29 10.49
C ALA E 12 -15.38 5.02 9.82
N VAL E 13 -15.79 3.85 10.34
CA VAL E 13 -15.41 2.59 9.69
C VAL E 13 -16.00 2.51 8.29
N GLU E 14 -17.25 2.96 8.12
CA GLU E 14 -17.87 2.97 6.81
C GLU E 14 -17.10 3.84 5.83
N ARG E 15 -16.69 5.04 6.27
CA ARG E 15 -15.91 5.93 5.43
C ARG E 15 -14.57 5.29 5.05
N SER E 16 -13.92 4.63 6.02
CA SER E 16 -12.66 3.96 5.72
C SER E 16 -12.85 2.84 4.71
N LYS E 17 -13.96 2.08 4.82
CA LYS E 17 -14.21 1.01 3.86
C LYS E 17 -14.47 1.55 2.46
N MET E 18 -15.20 2.66 2.36
CA MET E 18 -15.41 3.27 1.04
C MET E 18 -14.09 3.76 0.45
N ILE E 19 -13.23 4.34 1.28
CA ILE E 19 -11.90 4.76 0.82
C ILE E 19 -11.11 3.55 0.32
N ASP E 20 -11.15 2.45 1.06
CA ASP E 20 -10.44 1.25 0.67
C ASP E 20 -10.94 0.72 -0.67
N ARG E 21 -12.26 0.71 -0.86
CA ARG E 21 -12.82 0.24 -2.13
C ARG E 21 -12.39 1.12 -3.29
N ASN E 22 -12.40 2.44 -3.10
CA ASN E 22 -11.93 3.33 -4.16
C ASN E 22 -10.46 3.10 -4.47
N LEU E 23 -9.64 2.91 -3.43
CA LEU E 23 -8.22 2.63 -3.64
C LEU E 23 -8.01 1.35 -4.42
N ARG E 24 -8.77 0.30 -4.09
CA ARG E 24 -8.63 -0.97 -4.80
C ARG E 24 -9.04 -0.82 -6.26
N GLU E 25 -10.11 -0.07 -6.53
CA GLU E 25 -10.52 0.15 -7.91
C GLU E 25 -9.46 0.91 -8.69
N ASP E 26 -8.89 1.96 -8.09
CA ASP E 26 -7.83 2.71 -8.76
C ASP E 26 -6.61 1.83 -9.02
N GLY E 27 -6.24 0.99 -8.06
CA GLY E 27 -5.11 0.11 -8.25
C GLY E 27 -5.34 -0.92 -9.35
N GLU E 28 -6.57 -1.44 -9.44
CA GLU E 28 -6.92 -2.34 -10.53
C GLU E 28 -6.83 -1.63 -11.87
N LYS E 29 -7.30 -0.38 -11.94
CA LYS E 29 -7.23 0.38 -13.18
C LYS E 29 -5.79 0.63 -13.60
N ALA E 30 -4.93 0.96 -12.65
CA ALA E 30 -3.57 1.37 -12.96
C ALA E 30 -2.60 0.21 -13.13
N ALA E 31 -3.04 -1.03 -12.95
CA ALA E 31 -2.17 -2.19 -13.10
C ALA E 31 -2.11 -2.72 -14.52
N ARG E 32 -2.94 -2.20 -15.42
CA ARG E 32 -2.97 -2.61 -16.82
C ARG E 32 -2.54 -1.47 -17.72
N GLU E 33 -1.54 -0.71 -17.29
CA GLU E 33 -1.01 0.42 -18.03
C GLU E 33 0.42 0.12 -18.44
N VAL E 34 0.74 0.33 -19.71
CA VAL E 34 2.10 0.15 -20.20
C VAL E 34 2.91 1.38 -19.85
N LYS E 35 4.08 1.16 -19.26
CA LYS E 35 4.98 2.25 -18.84
C LYS E 35 6.31 2.12 -19.56
N LEU E 36 6.70 3.20 -20.23
CA LEU E 36 7.96 3.25 -20.95
C LEU E 36 8.80 4.39 -20.40
N LEU E 37 10.09 4.11 -20.20
CA LEU E 37 11.04 5.11 -19.76
C LEU E 37 11.95 5.46 -20.93
N LEU E 38 11.91 6.73 -21.36
CA LEU E 38 12.63 7.15 -22.55
C LEU E 38 14.00 7.69 -22.15
N LEU E 39 15.06 7.06 -22.65
CA LEU E 39 16.43 7.45 -22.35
C LEU E 39 17.20 7.66 -23.64
N GLY E 40 18.24 8.48 -23.58
CA GLY E 40 19.03 8.79 -24.74
C GLY E 40 20.28 9.58 -24.42
N ALA E 41 20.56 10.61 -25.21
CA ALA E 41 21.75 11.44 -25.02
C ALA E 41 21.32 12.90 -25.24
N GLY E 42 22.30 13.77 -25.41
CA GLY E 42 22.04 15.19 -25.64
C GLY E 42 21.02 15.45 -26.73
N GLU E 43 21.30 14.98 -27.95
CA GLU E 43 20.34 15.10 -29.05
C GLU E 43 20.46 13.84 -29.90
N SER E 44 19.55 12.90 -29.69
CA SER E 44 19.57 11.62 -30.39
C SER E 44 18.25 11.27 -31.07
N GLY E 45 17.16 11.94 -30.72
CA GLY E 45 15.87 11.62 -31.32
C GLY E 45 14.76 11.51 -30.29
N LYS E 46 15.07 11.84 -29.03
CA LYS E 46 14.06 11.76 -27.97
C LYS E 46 12.93 12.77 -28.17
N SER E 47 13.12 13.77 -29.03
CA SER E 47 12.06 14.72 -29.33
C SER E 47 11.20 14.23 -30.49
N THR E 48 11.83 13.91 -31.62
CA THR E 48 11.07 13.49 -32.80
C THR E 48 10.26 12.23 -32.54
N ILE E 49 10.74 11.35 -31.64
CA ILE E 49 10.01 10.13 -31.35
C ILE E 49 8.65 10.46 -30.76
N VAL E 50 8.53 11.60 -30.06
CA VAL E 50 7.27 12.00 -29.47
C VAL E 50 6.24 12.34 -30.54
N LYS E 51 6.69 12.60 -31.78
CA LYS E 51 5.76 13.03 -32.82
C LYS E 51 4.76 11.93 -33.19
N GLN E 52 5.11 10.67 -32.97
CA GLN E 52 4.22 9.57 -33.37
C GLN E 52 2.92 9.61 -32.56
N MET E 53 3.02 9.77 -31.24
CA MET E 53 1.87 9.79 -30.33
C MET E 53 0.92 8.62 -30.58
N THR E 182 11.26 21.97 -14.83
CA THR E 182 11.97 20.79 -15.30
C THR E 182 11.35 19.52 -14.72
N GLY E 183 12.20 18.53 -14.43
CA GLY E 183 11.72 17.32 -13.81
C GLY E 183 11.14 16.33 -14.82
N ILE E 184 10.28 15.45 -14.29
CA ILE E 184 9.62 14.45 -15.12
C ILE E 184 8.81 15.13 -16.22
N VAL E 185 8.74 14.47 -17.38
CA VAL E 185 7.82 14.87 -18.44
C VAL E 185 7.00 13.64 -18.82
N GLU E 186 5.68 13.77 -18.78
CA GLU E 186 4.80 12.64 -18.99
C GLU E 186 4.03 12.79 -20.30
N THR E 187 3.87 11.68 -21.01
CA THR E 187 3.06 11.64 -22.22
C THR E 187 2.11 10.45 -22.14
N HIS E 188 0.84 10.68 -22.49
CA HIS E 188 -0.18 9.65 -22.45
C HIS E 188 -0.76 9.46 -23.84
N PHE E 189 -1.04 8.21 -24.19
CA PHE E 189 -1.76 7.94 -25.45
C PHE E 189 -2.32 6.52 -25.39
N THR E 190 -3.08 6.17 -26.43
CA THR E 190 -3.73 4.87 -26.54
C THR E 190 -3.52 4.36 -27.95
N PHE E 191 -3.01 3.13 -28.09
CA PHE E 191 -2.77 2.62 -29.43
C PHE E 191 -3.92 1.78 -29.96
N LYS E 192 -4.20 0.63 -29.32
CA LYS E 192 -5.37 -0.15 -29.69
C LYS E 192 -6.49 -0.02 -28.67
N ASP E 193 -6.27 -0.56 -27.46
CA ASP E 193 -7.16 -0.37 -26.32
C ASP E 193 -6.39 -0.03 -25.06
N LEU E 194 -5.07 0.06 -25.13
CA LEU E 194 -4.22 0.19 -23.96
C LEU E 194 -3.96 1.65 -23.64
N HIS E 195 -3.35 1.89 -22.48
CA HIS E 195 -3.03 3.24 -22.02
C HIS E 195 -1.51 3.33 -21.84
N PHE E 196 -0.82 3.69 -22.91
CA PHE E 196 0.63 3.86 -22.86
C PHE E 196 0.98 5.18 -22.19
N LYS E 197 1.95 5.13 -21.26
CA LYS E 197 2.51 6.31 -20.62
C LYS E 197 4.01 6.29 -20.80
N MET E 198 4.56 7.41 -21.24
CA MET E 198 5.98 7.56 -21.50
C MET E 198 6.56 8.63 -20.57
N PHE E 199 7.65 8.30 -19.90
CA PHE E 199 8.31 9.20 -18.95
C PHE E 199 9.65 9.63 -19.53
N ASP E 200 9.85 10.94 -19.64
CA ASP E 200 11.07 11.52 -20.17
C ASP E 200 11.80 12.28 -19.06
N VAL E 201 13.08 11.99 -18.91
CA VAL E 201 13.95 12.65 -17.94
C VAL E 201 15.17 13.17 -18.70
N GLY E 202 15.08 14.42 -19.17
CA GLY E 202 16.18 15.01 -19.90
C GLY E 202 16.67 16.28 -19.25
N ALA E 203 15.78 16.95 -18.50
CA ALA E 203 16.14 18.15 -17.77
C ALA E 203 16.59 17.86 -16.34
N GLN E 204 16.53 16.61 -15.91
CA GLN E 204 16.99 16.24 -14.57
C GLN E 204 18.52 16.23 -14.58
N ARG E 205 19.11 17.34 -14.16
CA ARG E 205 20.56 17.48 -14.14
C ARG E 205 21.20 17.01 -12.83
N SER E 206 20.40 16.44 -11.93
CA SER E 206 20.91 16.00 -10.63
C SER E 206 21.64 14.67 -10.79
N GLU E 207 21.98 14.05 -9.67
CA GLU E 207 22.69 12.78 -9.67
C GLU E 207 21.72 11.66 -10.02
N ARG E 208 22.06 10.87 -11.04
CA ARG E 208 21.15 9.84 -11.52
C ARG E 208 20.98 8.69 -10.54
N LYS E 209 21.96 8.45 -9.66
CA LYS E 209 21.89 7.32 -8.75
C LYS E 209 20.86 7.50 -7.65
N LYS E 210 20.47 8.74 -7.35
CA LYS E 210 19.59 9.01 -6.23
C LYS E 210 18.11 8.99 -6.57
N TRP E 211 17.75 8.84 -7.85
CA TRP E 211 16.34 8.70 -8.21
C TRP E 211 16.06 7.63 -9.25
N ILE E 212 17.07 6.99 -9.83
CA ILE E 212 16.82 6.01 -10.89
C ILE E 212 16.08 4.81 -10.34
N HIS E 213 16.16 4.55 -9.04
CA HIS E 213 15.42 3.44 -8.46
C HIS E 213 13.92 3.69 -8.41
N CYS E 214 13.48 4.93 -8.66
CA CYS E 214 12.05 5.21 -8.72
C CYS E 214 11.37 4.51 -9.88
N PHE E 215 12.13 4.15 -10.92
CA PHE E 215 11.58 3.54 -12.12
C PHE E 215 11.78 2.03 -12.16
N GLU E 216 12.08 1.40 -11.03
CA GLU E 216 12.18 -0.05 -10.98
C GLU E 216 10.78 -0.62 -11.08
N GLY E 217 10.42 -1.12 -12.26
CA GLY E 217 9.10 -1.68 -12.47
C GLY E 217 8.43 -1.19 -13.73
N VAL E 218 9.11 -0.32 -14.48
CA VAL E 218 8.57 0.15 -15.74
C VAL E 218 8.49 -1.03 -16.71
N THR E 219 7.49 -0.99 -17.60
CA THR E 219 7.31 -2.10 -18.54
C THR E 219 8.49 -2.19 -19.50
N ALA E 220 8.97 -1.06 -20.01
CA ALA E 220 10.09 -1.13 -20.95
C ALA E 220 10.93 0.13 -20.86
N ILE E 221 12.18 0.01 -21.32
CA ILE E 221 13.11 1.14 -21.40
C ILE E 221 13.45 1.35 -22.86
N ILE E 222 13.10 2.51 -23.39
CA ILE E 222 13.33 2.84 -24.80
C ILE E 222 14.58 3.70 -24.88
N PHE E 223 15.65 3.13 -25.42
CA PHE E 223 16.94 3.79 -25.50
C PHE E 223 17.19 4.25 -26.93
N CYS E 224 17.33 5.56 -27.12
CA CYS E 224 17.53 6.15 -28.44
C CYS E 224 18.99 6.49 -28.66
N VAL E 225 19.55 6.03 -29.78
CA VAL E 225 20.93 6.27 -30.15
C VAL E 225 20.98 6.78 -31.58
N ALA E 226 21.67 7.88 -31.80
CA ALA E 226 21.85 8.42 -33.15
C ALA E 226 22.98 7.69 -33.86
N LEU E 227 22.76 7.37 -35.13
CA LEU E 227 23.76 6.68 -35.93
C LEU E 227 24.72 7.63 -36.64
N SER E 228 24.49 8.94 -36.55
CA SER E 228 25.36 9.92 -37.18
C SER E 228 26.31 10.58 -36.20
N ASP E 229 26.44 10.03 -34.99
CA ASP E 229 27.30 10.58 -33.95
C ASP E 229 28.63 9.83 -33.84
N TYR E 230 28.99 9.03 -34.83
CA TYR E 230 30.22 8.26 -34.78
C TYR E 230 31.44 9.06 -35.23
N ASP E 231 31.26 10.32 -35.64
CA ASP E 231 32.39 11.14 -36.07
C ASP E 231 32.28 12.58 -35.57
N LEU E 232 31.47 12.84 -34.54
CA LEU E 232 31.26 14.18 -34.03
C LEU E 232 31.78 14.28 -32.60
N VAL E 233 32.52 15.36 -32.33
CA VAL E 233 33.04 15.61 -30.99
C VAL E 233 32.02 16.44 -30.21
N LEU E 234 32.15 16.40 -28.89
CA LEU E 234 31.28 17.16 -28.00
C LEU E 234 32.03 18.39 -27.51
N ALA E 235 31.35 19.22 -26.71
CA ALA E 235 31.91 20.50 -26.27
C ALA E 235 33.22 20.32 -25.52
N GLU E 236 33.44 19.15 -24.91
CA GLU E 236 34.70 18.89 -24.23
C GLU E 236 35.88 18.89 -25.20
N ASP E 237 35.63 18.60 -26.48
CA ASP E 237 36.67 18.50 -27.52
C ASP E 237 37.64 17.41 -27.10
N GLU E 238 38.95 17.65 -27.13
CA GLU E 238 39.97 16.65 -26.81
C GLU E 238 39.74 15.37 -27.59
N GLU E 239 39.41 14.29 -26.90
CA GLU E 239 39.10 13.00 -27.52
C GLU E 239 37.73 12.53 -27.03
N MET E 240 36.68 13.00 -27.69
CA MET E 240 35.32 12.58 -27.41
C MET E 240 34.63 12.11 -28.69
N ASN E 241 33.67 11.21 -28.50
CA ASN E 241 32.89 10.68 -29.61
C ASN E 241 31.53 10.26 -29.03
N ARG E 242 30.47 10.97 -29.45
CA ARG E 242 29.16 10.76 -28.86
C ARG E 242 28.66 9.33 -28.98
N MET E 243 29.19 8.56 -29.94
CA MET E 243 28.90 7.14 -29.99
C MET E 243 29.43 6.44 -28.74
N HIS E 244 30.66 6.76 -28.33
CA HIS E 244 31.24 6.11 -27.15
C HIS E 244 30.51 6.52 -25.88
N GLU E 245 30.15 7.80 -25.75
CA GLU E 245 29.43 8.23 -24.56
C GLU E 245 28.07 7.56 -24.46
N SER E 246 27.37 7.45 -25.60
CA SER E 246 26.13 6.68 -25.63
C SER E 246 26.38 5.22 -25.25
N MET E 247 27.53 4.66 -25.65
CA MET E 247 27.84 3.30 -25.27
C MET E 247 28.00 3.17 -23.75
N LYS E 248 28.71 4.11 -23.12
CA LYS E 248 28.86 4.05 -21.67
C LYS E 248 27.52 4.18 -20.96
N LEU E 249 26.69 5.12 -21.42
CA LEU E 249 25.38 5.30 -20.77
C LEU E 249 24.52 4.05 -20.94
N PHE E 250 24.53 3.46 -22.14
CA PHE E 250 23.76 2.24 -22.36
C PHE E 250 24.27 1.10 -21.48
N ASP E 251 25.58 0.98 -21.35
CA ASP E 251 26.13 -0.08 -20.51
C ASP E 251 25.71 0.12 -19.06
N SER E 252 25.82 1.34 -18.56
CA SER E 252 25.46 1.63 -17.18
C SER E 252 23.99 1.36 -16.92
N ILE E 253 23.12 1.73 -17.88
CA ILE E 253 21.70 1.47 -17.70
C ILE E 253 21.40 -0.02 -17.76
N CYS E 254 22.01 -0.74 -18.70
CA CYS E 254 21.74 -2.16 -18.85
C CYS E 254 22.18 -2.96 -17.63
N ASN E 255 23.35 -2.63 -17.10
CA ASN E 255 23.89 -3.40 -15.97
C ASN E 255 23.44 -2.88 -14.60
N ASN E 256 22.42 -2.03 -14.57
CA ASN E 256 21.90 -1.54 -13.30
C ASN E 256 21.26 -2.68 -12.51
N LYS E 257 21.34 -2.57 -11.18
CA LYS E 257 20.77 -3.59 -10.32
C LYS E 257 19.25 -3.53 -10.25
N TRP E 258 18.65 -2.40 -10.64
CA TRP E 258 17.20 -2.28 -10.66
C TRP E 258 16.57 -2.77 -11.95
N PHE E 259 17.36 -2.89 -13.02
CA PHE E 259 16.87 -3.27 -14.34
C PHE E 259 17.44 -4.61 -14.78
N THR E 260 17.48 -5.58 -13.87
CA THR E 260 17.97 -6.91 -14.20
C THR E 260 16.93 -7.76 -14.94
N ASP E 261 15.68 -7.32 -15.00
CA ASP E 261 14.65 -8.06 -15.73
C ASP E 261 13.74 -7.16 -16.54
N THR E 262 14.18 -5.96 -16.88
CA THR E 262 13.37 -5.00 -17.63
C THR E 262 13.81 -4.99 -19.08
N SER E 263 12.85 -5.14 -20.00
CA SER E 263 13.17 -5.20 -21.41
C SER E 263 13.60 -3.85 -21.95
N ILE E 264 14.57 -3.87 -22.86
CA ILE E 264 15.16 -2.66 -23.42
C ILE E 264 14.93 -2.68 -24.92
N ILE E 265 14.30 -1.62 -25.43
CA ILE E 265 14.05 -1.45 -26.86
C ILE E 265 15.03 -0.39 -27.36
N LEU E 266 15.95 -0.80 -28.22
CA LEU E 266 17.01 0.07 -28.69
C LEU E 266 16.65 0.60 -30.08
N PHE E 267 16.54 1.91 -30.20
CA PHE E 267 16.28 2.58 -31.47
C PHE E 267 17.57 3.19 -31.99
N LEU E 268 17.85 2.97 -33.27
CA LEU E 268 19.02 3.53 -33.94
C LEU E 268 18.52 4.55 -34.96
N ASN E 269 18.38 5.80 -34.52
CA ASN E 269 17.79 6.85 -35.32
C ASN E 269 18.82 7.45 -36.28
N LYS E 270 18.34 8.34 -37.14
CA LYS E 270 19.17 9.09 -38.08
C LYS E 270 20.03 8.17 -38.93
N LYS E 271 19.34 7.35 -39.73
CA LYS E 271 20.01 6.40 -40.61
C LYS E 271 20.25 6.95 -42.00
N ASP E 272 19.40 7.88 -42.48
CA ASP E 272 19.59 8.44 -43.81
C ASP E 272 20.88 9.25 -43.91
N LEU E 273 21.18 10.06 -42.89
CA LEU E 273 22.43 10.81 -42.90
C LEU E 273 23.63 9.89 -42.80
N PHE E 274 23.55 8.86 -41.97
CA PHE E 274 24.63 7.89 -41.84
C PHE E 274 25.08 7.40 -43.20
N GLU E 275 24.12 7.03 -44.06
CA GLU E 275 24.39 6.64 -45.43
C GLU E 275 25.37 7.60 -46.07
N GLU E 276 24.95 8.87 -46.18
CA GLU E 276 25.78 9.90 -46.80
C GLU E 276 27.17 9.88 -46.18
N LYS E 277 27.21 9.89 -44.84
CA LYS E 277 28.49 10.00 -44.16
C LYS E 277 29.40 8.82 -44.49
N ILE E 278 28.83 7.62 -44.58
CA ILE E 278 29.67 6.46 -44.81
C ILE E 278 30.16 6.38 -46.24
N LYS E 279 29.59 7.19 -47.15
CA LYS E 279 30.11 7.20 -48.51
C LYS E 279 31.45 7.92 -48.59
N LYS E 280 31.51 9.14 -48.07
CA LYS E 280 32.76 9.89 -48.08
C LYS E 280 33.65 9.52 -46.90
N SER E 281 33.13 9.65 -45.69
CA SER E 281 33.92 9.39 -44.48
C SER E 281 33.71 7.96 -44.03
N PRO E 282 34.74 7.13 -44.01
CA PRO E 282 34.57 5.73 -43.59
C PRO E 282 34.40 5.65 -42.08
N LEU E 283 34.11 4.45 -41.60
CA LEU E 283 34.00 4.22 -40.16
C LEU E 283 35.40 4.11 -39.57
N THR E 284 36.22 5.14 -39.79
CA THR E 284 37.62 5.09 -39.36
C THR E 284 37.75 5.46 -37.89
N ILE E 285 37.42 6.70 -37.54
CA ILE E 285 37.51 7.08 -36.13
C ILE E 285 36.17 6.85 -35.46
N CYS E 286 35.86 5.58 -35.20
CA CYS E 286 34.91 5.19 -34.16
C CYS E 286 35.35 3.95 -33.40
N TYR E 287 36.18 3.10 -33.99
CA TYR E 287 36.76 1.90 -33.40
C TYR E 287 38.11 1.67 -34.08
N PRO E 288 39.21 1.83 -33.35
CA PRO E 288 40.53 1.66 -34.00
C PRO E 288 40.75 0.28 -34.60
N GLU E 289 40.14 -0.75 -34.03
CA GLU E 289 40.33 -2.13 -34.49
C GLU E 289 39.37 -2.53 -35.59
N TYR E 290 38.53 -1.62 -36.07
CA TYR E 290 37.55 -1.95 -37.09
C TYR E 290 38.22 -2.45 -38.36
N ALA E 291 37.68 -3.55 -38.90
CA ALA E 291 38.20 -4.12 -40.13
C ALA E 291 37.05 -4.72 -40.92
N GLY E 292 37.08 -4.54 -42.23
CA GLY E 292 36.07 -5.07 -43.11
C GLY E 292 35.74 -4.07 -44.20
N SER E 293 34.67 -4.36 -44.93
CA SER E 293 34.23 -3.49 -46.01
C SER E 293 33.62 -2.20 -45.46
N ASN E 294 33.54 -1.20 -46.33
CA ASN E 294 32.96 0.10 -45.98
C ASN E 294 31.63 0.21 -46.71
N THR E 295 30.57 -0.31 -46.09
CA THR E 295 29.24 -0.28 -46.67
C THR E 295 28.23 -0.08 -45.55
N TYR E 296 27.05 0.41 -45.92
CA TYR E 296 26.03 0.74 -44.92
C TYR E 296 25.62 -0.49 -44.14
N GLU E 297 25.37 -1.61 -44.82
CA GLU E 297 24.79 -2.78 -44.17
C GLU E 297 25.76 -3.38 -43.15
N GLU E 298 27.01 -3.62 -43.57
CA GLU E 298 27.97 -4.23 -42.66
C GLU E 298 28.30 -3.30 -41.49
N ALA E 299 28.44 -2.01 -41.74
CA ALA E 299 28.74 -1.07 -40.66
C ALA E 299 27.57 -0.98 -39.68
N ALA E 300 26.34 -0.96 -40.18
CA ALA E 300 25.18 -0.95 -39.30
C ALA E 300 25.12 -2.22 -38.47
N ALA E 301 25.42 -3.37 -39.08
CA ALA E 301 25.44 -4.62 -38.32
C ALA E 301 26.52 -4.58 -37.25
N TYR E 302 27.69 -4.02 -37.58
CA TYR E 302 28.77 -3.91 -36.60
C TYR E 302 28.36 -3.03 -35.42
N ILE E 303 27.74 -1.88 -35.71
CA ILE E 303 27.30 -1.00 -34.63
C ILE E 303 26.24 -1.68 -33.78
N GLN E 304 25.29 -2.37 -34.43
CA GLN E 304 24.24 -3.06 -33.69
C GLN E 304 24.81 -4.16 -32.80
N CYS E 305 25.78 -4.93 -33.31
CA CYS E 305 26.37 -5.98 -32.49
C CYS E 305 27.18 -5.40 -31.35
N GLN E 306 27.89 -4.30 -31.59
CA GLN E 306 28.63 -3.64 -30.52
C GLN E 306 27.70 -3.16 -29.42
N PHE E 307 26.54 -2.63 -29.79
CA PHE E 307 25.58 -2.18 -28.78
C PHE E 307 24.90 -3.37 -28.10
N GLU E 308 24.63 -4.44 -28.83
CA GLU E 308 24.09 -5.65 -28.23
C GLU E 308 25.08 -6.31 -27.29
N ASP E 309 26.38 -5.98 -27.41
CA ASP E 309 27.34 -6.32 -26.39
C ASP E 309 27.11 -5.43 -25.17
N LEU E 310 27.99 -5.55 -24.17
CA LEU E 310 27.91 -4.85 -22.90
C LEU E 310 26.74 -5.32 -22.06
N ASN E 311 25.92 -6.24 -22.57
CA ASN E 311 24.78 -6.80 -21.83
C ASN E 311 25.21 -8.18 -21.34
N LYS E 312 25.72 -8.23 -20.12
CA LYS E 312 26.19 -9.49 -19.54
C LYS E 312 25.10 -10.19 -18.75
N ARG E 313 23.91 -10.28 -19.36
CA ARG E 313 22.80 -11.04 -18.79
C ARG E 313 21.98 -11.73 -19.89
N LYS E 314 22.65 -12.15 -20.96
CA LYS E 314 21.94 -12.62 -22.16
C LYS E 314 21.02 -13.79 -21.87
N ASP E 315 21.26 -14.53 -20.78
CA ASP E 315 20.42 -15.66 -20.44
C ASP E 315 18.99 -15.22 -20.13
N THR E 316 18.82 -14.13 -19.38
CA THR E 316 17.51 -13.68 -18.93
C THR E 316 17.23 -12.24 -19.37
N LYS E 317 17.80 -11.82 -20.48
CA LYS E 317 17.51 -10.50 -21.04
C LYS E 317 18.04 -10.44 -22.47
N GLU E 318 17.33 -9.72 -23.33
CA GLU E 318 17.75 -9.52 -24.70
C GLU E 318 17.19 -8.21 -25.22
N ILE E 319 17.97 -7.55 -26.07
CA ILE E 319 17.58 -6.24 -26.59
C ILE E 319 16.68 -6.42 -27.81
N TYR E 320 15.84 -5.41 -28.06
CA TYR E 320 14.96 -5.36 -29.22
C TYR E 320 15.48 -4.26 -30.15
N THR E 321 16.45 -4.61 -30.99
CA THR E 321 17.05 -3.63 -31.88
C THR E 321 16.13 -3.31 -33.04
N HIS E 322 16.21 -2.07 -33.53
CA HIS E 322 15.38 -1.63 -34.64
C HIS E 322 16.04 -0.44 -35.32
N PHE E 323 16.23 -0.53 -36.63
CA PHE E 323 16.70 0.60 -37.44
C PHE E 323 15.47 1.38 -37.89
N THR E 324 15.28 2.56 -37.29
CA THR E 324 14.06 3.32 -37.52
C THR E 324 13.90 3.69 -38.99
N CYS E 325 12.69 3.51 -39.51
CA CYS E 325 12.34 3.87 -40.88
C CYS E 325 11.34 5.02 -40.83
N SER E 326 11.55 6.02 -41.68
CA SER E 326 10.72 7.22 -41.67
C SER E 326 9.36 6.97 -42.29
N THR E 327 8.52 6.20 -41.60
CA THR E 327 7.15 5.96 -42.04
C THR E 327 6.10 6.21 -40.97
N ASP E 328 6.50 6.42 -39.72
CA ASP E 328 5.66 6.77 -38.58
C ASP E 328 4.75 5.64 -38.13
N THR E 329 4.76 4.49 -38.81
CA THR E 329 3.94 3.36 -38.42
C THR E 329 4.72 2.09 -38.14
N GLU E 330 5.91 1.93 -38.71
CA GLU E 330 6.74 0.77 -38.39
C GLU E 330 7.21 0.82 -36.95
N ASN E 331 7.57 2.02 -36.47
CA ASN E 331 8.08 2.16 -35.11
C ASN E 331 7.04 1.76 -34.08
N ILE E 332 5.80 2.22 -34.26
CA ILE E 332 4.76 1.89 -33.28
C ILE E 332 4.42 0.41 -33.32
N ARG E 333 4.44 -0.20 -34.50
CA ARG E 333 4.24 -1.65 -34.59
C ARG E 333 5.33 -2.41 -33.87
N PHE E 334 6.59 -1.97 -34.05
CA PHE E 334 7.69 -2.65 -33.37
C PHE E 334 7.60 -2.50 -31.86
N VAL E 335 7.25 -1.30 -31.39
CA VAL E 335 7.09 -1.09 -29.95
C VAL E 335 5.95 -1.94 -29.41
N PHE E 336 4.85 -2.03 -30.15
CA PHE E 336 3.73 -2.85 -29.72
C PHE E 336 4.11 -4.32 -29.64
N ALA E 337 4.85 -4.81 -30.63
CA ALA E 337 5.29 -6.21 -30.59
C ALA E 337 6.22 -6.48 -29.41
N ALA E 338 7.17 -5.58 -29.17
CA ALA E 338 8.09 -5.74 -28.05
C ALA E 338 7.35 -5.71 -26.72
N VAL E 339 6.39 -4.79 -26.58
CA VAL E 339 5.60 -4.71 -25.34
C VAL E 339 4.75 -5.96 -25.17
N LYS E 340 4.19 -6.47 -26.26
CA LYS E 340 3.39 -7.70 -26.19
C LYS E 340 4.23 -8.87 -25.71
N ASP E 341 5.44 -9.01 -26.25
CA ASP E 341 6.31 -10.10 -25.80
C ASP E 341 6.73 -9.90 -24.35
N THR E 342 7.01 -8.66 -23.95
CA THR E 342 7.38 -8.39 -22.56
C THR E 342 6.26 -8.76 -21.60
N ILE E 343 5.02 -8.42 -21.96
CA ILE E 343 3.87 -8.76 -21.12
C ILE E 343 3.65 -10.27 -21.10
N LEU E 344 3.87 -10.94 -22.24
CA LEU E 344 3.75 -12.38 -22.28
C LEU E 344 4.77 -13.04 -21.36
N GLN E 345 5.98 -12.51 -21.29
CA GLN E 345 7.02 -13.08 -20.44
C GLN E 345 6.90 -12.63 -18.98
N LEU E 346 5.99 -11.72 -18.67
CA LEU E 346 5.66 -11.41 -17.29
C LEU E 346 4.36 -12.07 -16.86
N ASN E 347 3.61 -12.64 -17.81
CA ASN E 347 2.42 -13.42 -17.51
C ASN E 347 2.74 -14.91 -17.44
N LEU E 348 4.02 -15.28 -17.58
CA LEU E 348 4.49 -16.64 -17.42
C LEU E 348 5.11 -16.85 -16.04
N LYS E 349 5.14 -15.80 -15.23
CA LYS E 349 5.86 -15.82 -13.96
C LYS E 349 4.87 -15.58 -12.84
N GLU E 350 3.80 -14.85 -13.14
CA GLU E 350 2.70 -14.66 -12.20
C GLU E 350 1.76 -15.85 -12.15
N TYR E 351 1.78 -16.71 -13.18
CA TYR E 351 0.90 -17.88 -13.25
C TYR E 351 1.67 -19.18 -13.11
N ASN E 352 2.80 -19.13 -12.40
CA ASN E 352 3.57 -20.29 -11.95
C ASN E 352 4.09 -21.15 -13.10
N LEU E 353 4.05 -20.67 -14.34
CA LEU E 353 4.52 -21.48 -15.46
C LEU E 353 6.02 -21.40 -15.67
N VAL E 354 6.74 -20.58 -14.91
CA VAL E 354 8.19 -20.54 -15.01
C VAL E 354 8.80 -20.53 -13.61
#